data_9MRE
#
_entry.id   9MRE
#
_cell.length_a   104.081
_cell.length_b   138.135
_cell.length_c   179.028
_cell.angle_alpha   90.00
_cell.angle_beta   90.00
_cell.angle_gamma   90.00
#
_symmetry.space_group_name_H-M   'I 2 2 2'
#
loop_
_entity.id
_entity.type
_entity.pdbx_description
1 polymer 'Protein arginine N-methyltransferase 5'
2 polymer 'Methylosome protein 50'
3 non-polymer 2-amino-3-methyl-N-[(1R)-1-(pyrimidin-2-yl)ethyl]-N-{[5-(trifluoromethyl)pyridin-2-yl]methyl}quinoline-6-carboxamide
4 non-polymer "5'-DEOXY-5'-METHYLTHIOADENOSINE"
5 non-polymer GLYCEROL
6 non-polymer DI(HYDROXYETHYL)ETHER
7 non-polymer 'DIMETHYL SULFOXIDE'
8 water water
#
loop_
_entity_poly.entity_id
_entity_poly.type
_entity_poly.pdbx_seq_one_letter_code
_entity_poly.pdbx_strand_id
1 'polypeptide(L)'
;MDYKDDDDKGRATMAAMAVGGAGGSRVSSGRDLNCVPEIADTLGAVAKQGFDFLCMPVFHPRFKREFIQEPAKNRPGPQT
RSDLLLSGRDWNTLIVGKLSPWIRPDSKVEKIRRNSEAAMLQELNFGAYLGLPAFLLPLNQEDNTNLARVLTNHIHTGHH
SSMFWMRVPLVAPEDLRDDIIENAPTTHTEEYSGEEKTWMWWHNFRTLCDYSKRIAVALEIGADLPSNHVIDRWLGEPIK
AAILPTSIFLTNKKGFPVLSKMHQRLIFRLLKLEVQFIITGTNHHSEKEFCSYLQYLEYLSQNRPPPNAYELFAKGYEDY
LQSPLQPLMDNLESQTYEVFEKDPIKYSQYQQAIYKCLLDRVPEEEKDTNVQVLMVLGAGRGPLVNASLRAAKQADRRIK
LYAVEKNPNAVVTLENWQFEEWGSQVTVVSSDMREWVAPEKADIIVSELLGSFADNELSPECLDGAQHFLKDDGVSIPGE
YTSFLAPISSSKLYNEVRACREKDRDPEAQFEMPYVVRLHNFHQLSAPQPCFTFSHPNRDPMIDNNRYCTLEFPVEVNTV
LHGFAGYFETVLYQDITLSIRPETHSPGMFSWFPILFPIKQPITVREGQTICVRFWRCSNSKKVWYEWAVTAPVCSAIHN
PTGRSYTIGL
;
A
2 'polypeptide(L)'
;GSLRKETPPPLVPPAAREWNLPPNAPACMERQLEAARYRSDGALLLGASSLSGRCWAGSLWLFKDPCAAPNEGFCSAGVQ
TEAGVADLTWVGERGILVASDSGAVELWELDENETLIVSKFCKYEHDDIVSTVSVLSSGTQAVSGSKDICIKVWDLAQQV
VLSSYRAHAAQVTCVAASPHKDSVFLSCSEDNRILLWDTRCPKPASQIGCSAPGYLPTSLAWHPQQSEVFVFGDENGTVS
LVDTKSTSCVLSSAVHSQCVTGLVFSPHSVPFLASLSEDCSLAVLDSSLSELFRSQAHRDFVRDATWSPLNHSLLTTVGW
DHQVVHHVVPTEPLPAPGPASVTE
;
B
#
# COMPACT_ATOMS: atom_id res chain seq x y z
N ARG A 26 9.29 -18.51 -2.92
CA ARG A 26 9.87 -17.46 -3.74
C ARG A 26 9.11 -16.14 -3.53
N VAL A 27 9.85 -15.05 -3.46
CA VAL A 27 9.30 -13.73 -3.15
C VAL A 27 9.38 -12.88 -4.41
N SER A 28 8.34 -12.09 -4.67
CA SER A 28 8.35 -11.15 -5.77
C SER A 28 8.73 -9.77 -5.24
N SER A 29 9.82 -9.22 -5.78
CA SER A 29 10.46 -8.07 -5.16
C SER A 29 10.75 -6.98 -6.19
N GLY A 30 10.72 -5.74 -5.72
CA GLY A 30 11.04 -4.60 -6.56
C GLY A 30 11.95 -3.65 -5.83
N ARG A 31 12.71 -2.88 -6.61
CA ARG A 31 13.60 -1.86 -6.09
C ARG A 31 13.03 -0.48 -6.38
N ASP A 32 12.90 0.34 -5.35
CA ASP A 32 12.43 1.71 -5.50
C ASP A 32 13.63 2.63 -5.57
N LEU A 33 13.71 3.41 -6.63
CA LEU A 33 14.77 4.40 -6.80
C LEU A 33 14.14 5.74 -7.16
N ASN A 34 14.79 6.82 -6.73
CA ASN A 34 14.42 8.15 -7.18
C ASN A 34 15.53 8.82 -7.97
N CYS A 35 16.48 8.02 -8.47
CA CYS A 35 17.59 8.54 -9.27
C CYS A 35 17.98 7.48 -10.28
N VAL A 36 17.74 7.76 -11.56
CA VAL A 36 18.10 6.85 -12.65
C VAL A 36 18.81 7.67 -13.72
N PRO A 37 20.14 7.71 -13.71
CA PRO A 37 20.85 8.49 -14.74
C PRO A 37 20.53 8.04 -16.15
N GLU A 38 20.17 6.77 -16.31
CA GLU A 38 20.27 6.12 -17.60
C GLU A 38 19.73 4.69 -17.47
N ILE A 39 18.61 4.42 -18.15
CA ILE A 39 17.71 3.35 -17.73
C ILE A 39 18.35 1.97 -17.92
N ALA A 40 19.00 1.75 -19.07
CA ALA A 40 19.51 0.42 -19.38
C ALA A 40 20.51 -0.05 -18.34
N ASP A 41 21.41 0.84 -17.92
CA ASP A 41 22.38 0.48 -16.89
C ASP A 41 21.68 0.19 -15.57
N THR A 42 20.73 1.05 -15.17
CA THR A 42 20.06 0.88 -13.89
C THR A 42 19.24 -0.41 -13.86
N LEU A 43 18.49 -0.67 -14.93
CA LEU A 43 17.69 -1.89 -14.98
C LEU A 43 18.56 -3.13 -14.90
N GLY A 44 19.73 -3.10 -15.55
CA GLY A 44 20.61 -4.26 -15.53
C GLY A 44 21.18 -4.51 -14.14
N ALA A 45 21.67 -3.46 -13.48
CA ALA A 45 22.17 -3.61 -12.13
C ALA A 45 21.08 -4.07 -11.18
N VAL A 46 19.86 -3.57 -11.37
CA VAL A 46 18.73 -3.98 -10.52
C VAL A 46 18.38 -5.44 -10.76
N ALA A 47 18.41 -5.88 -12.03
CA ALA A 47 18.11 -7.28 -12.33
C ALA A 47 19.20 -8.20 -11.77
N LYS A 48 20.46 -7.81 -11.91
CA LYS A 48 21.55 -8.61 -11.34
C LYS A 48 21.38 -8.82 -9.85
N GLN A 49 21.01 -7.77 -9.12
CA GLN A 49 20.84 -7.86 -7.68
C GLN A 49 19.70 -8.81 -7.30
N GLY A 50 18.82 -9.13 -8.24
CA GLY A 50 17.77 -10.10 -8.01
C GLY A 50 16.36 -9.55 -7.98
N PHE A 51 16.17 -8.27 -8.29
CA PHE A 51 14.84 -7.68 -8.23
C PHE A 51 14.03 -8.04 -9.46
N ASP A 52 12.71 -8.17 -9.27
CA ASP A 52 11.81 -8.52 -10.35
C ASP A 52 11.31 -7.30 -11.11
N PHE A 53 11.21 -6.14 -10.45
CA PHE A 53 10.79 -4.93 -11.13
C PHE A 53 11.48 -3.73 -10.48
N LEU A 54 11.26 -2.56 -11.07
CA LEU A 54 11.93 -1.34 -10.64
C LEU A 54 10.92 -0.21 -10.62
N CYS A 55 10.78 0.43 -9.47
CA CYS A 55 9.98 1.65 -9.36
C CYS A 55 10.90 2.84 -9.61
N MET A 56 10.53 3.68 -10.57
CA MET A 56 11.40 4.77 -10.97
C MET A 56 10.52 5.93 -11.44
N PRO A 57 11.07 7.13 -11.52
CA PRO A 57 10.35 8.23 -12.15
C PRO A 57 10.34 8.09 -13.66
N VAL A 58 9.24 8.55 -14.27
CA VAL A 58 9.15 8.62 -15.71
C VAL A 58 9.47 10.02 -16.22
N PHE A 59 9.38 11.03 -15.36
CA PHE A 59 9.95 12.34 -15.60
C PHE A 59 10.94 12.62 -14.47
N HIS A 60 11.94 13.46 -14.74
CA HIS A 60 12.97 13.72 -13.75
C HIS A 60 12.34 14.35 -12.50
N PRO A 61 12.58 13.80 -11.31
CA PRO A 61 11.87 14.27 -10.10
C PRO A 61 12.01 15.76 -9.83
N ARG A 62 13.07 16.42 -10.30
CA ARG A 62 13.27 17.84 -10.06
C ARG A 62 12.85 18.71 -11.24
N PHE A 63 12.40 18.09 -12.33
CA PHE A 63 12.10 18.81 -13.57
C PHE A 63 10.70 19.43 -13.51
N LYS A 64 10.56 20.39 -12.60
CA LYS A 64 9.30 21.11 -12.48
C LYS A 64 8.95 21.78 -13.80
N ARG A 65 7.70 21.63 -14.23
CA ARG A 65 7.23 22.14 -15.51
C ARG A 65 6.09 23.13 -15.31
N GLU A 66 6.06 24.14 -16.15
CA GLU A 66 5.01 25.15 -16.16
C GLU A 66 4.10 24.91 -17.36
N PHE A 67 2.79 25.18 -17.19
CA PHE A 67 1.81 24.93 -18.22
C PHE A 67 1.00 26.15 -18.62
N ILE A 68 1.09 27.25 -17.88
CA ILE A 68 0.22 28.41 -18.11
C ILE A 68 1.04 29.64 -18.44
N GLN A 69 1.97 30.01 -17.55
CA GLN A 69 2.65 31.30 -17.60
C GLN A 69 3.89 31.23 -18.48
N GLU A 70 3.98 32.17 -19.42
CA GLU A 70 5.18 32.29 -20.25
C GLU A 70 6.27 33.05 -19.50
N PRO A 71 7.54 32.84 -19.84
CA PRO A 71 8.09 31.98 -20.90
C PRO A 71 8.37 30.53 -20.51
N ALA A 72 8.30 30.21 -19.21
CA ALA A 72 8.63 28.86 -18.76
C ALA A 72 7.69 27.82 -19.35
N LYS A 73 6.48 28.22 -19.76
CA LYS A 73 5.56 27.29 -20.40
C LYS A 73 6.11 26.76 -21.71
N ASN A 74 6.89 27.58 -22.43
CA ASN A 74 7.42 27.19 -23.75
C ASN A 74 8.82 26.61 -23.67
N ARG A 75 9.20 26.02 -22.55
CA ARG A 75 10.50 25.36 -22.40
C ARG A 75 10.69 24.34 -23.53
N PRO A 76 11.74 24.47 -24.35
CA PRO A 76 11.92 23.53 -25.46
C PRO A 76 12.50 22.20 -25.03
N GLY A 77 12.93 21.41 -26.00
CA GLY A 77 13.53 20.13 -25.75
C GLY A 77 12.49 19.10 -25.39
N PRO A 78 12.89 17.83 -25.30
CA PRO A 78 11.96 16.79 -24.87
C PRO A 78 11.62 16.92 -23.39
N GLN A 79 10.37 16.59 -23.05
CA GLN A 79 9.92 16.70 -21.67
C GLN A 79 10.42 15.57 -20.79
N THR A 80 10.74 14.41 -21.37
CA THR A 80 11.40 13.33 -20.65
C THR A 80 12.13 12.48 -21.67
N ARG A 81 12.64 11.33 -21.23
CA ARG A 81 13.36 10.47 -22.16
C ARG A 81 12.42 9.53 -22.89
N SER A 82 12.94 8.96 -23.99
CA SER A 82 12.11 8.32 -24.99
C SER A 82 11.61 6.96 -24.56
N ASP A 83 10.44 6.58 -25.07
CA ASP A 83 9.93 5.23 -24.88
C ASP A 83 10.77 4.18 -25.61
N LEU A 84 11.60 4.60 -26.58
CA LEU A 84 12.37 3.63 -27.34
C LEU A 84 13.51 3.02 -26.53
N LEU A 85 13.80 3.54 -25.34
CA LEU A 85 14.92 3.05 -24.53
C LEU A 85 14.67 1.66 -23.95
N LEU A 86 13.41 1.22 -23.91
CA LEU A 86 13.06 -0.11 -23.43
C LEU A 86 12.10 -0.75 -24.44
N SER A 87 12.03 -2.08 -24.41
CA SER A 87 11.07 -2.83 -25.21
C SER A 87 9.68 -2.75 -24.60
N GLY A 88 8.66 -3.10 -25.38
CA GLY A 88 7.31 -2.91 -24.89
C GLY A 88 7.04 -3.80 -23.69
N ARG A 89 7.60 -4.96 -23.80
CA ARG A 89 7.56 -6.00 -22.84
C ARG A 89 8.25 -5.55 -21.57
N ASP A 90 9.41 -4.96 -21.68
CA ASP A 90 10.07 -4.33 -20.51
C ASP A 90 9.21 -3.26 -19.80
N TRP A 91 8.70 -2.26 -20.53
CA TRP A 91 7.75 -1.31 -19.96
C TRP A 91 6.56 -2.04 -19.31
N ASN A 92 6.06 -3.09 -19.96
CA ASN A 92 4.85 -3.75 -19.51
C ASN A 92 5.05 -4.53 -18.21
N THR A 93 6.28 -4.97 -17.93
CA THR A 93 6.49 -5.95 -16.87
C THR A 93 7.54 -5.58 -15.84
N LEU A 94 8.46 -4.66 -16.14
CA LEU A 94 9.57 -4.38 -15.25
C LEU A 94 9.52 -3.00 -14.60
N ILE A 95 8.77 -2.06 -15.15
CA ILE A 95 8.79 -0.67 -14.71
C ILE A 95 7.50 -0.35 -13.98
N VAL A 96 7.64 0.18 -12.77
CA VAL A 96 6.54 0.80 -12.04
C VAL A 96 6.82 2.30 -12.04
N GLY A 97 5.86 3.09 -12.52
CA GLY A 97 6.05 4.53 -12.55
C GLY A 97 5.88 5.17 -11.17
N LYS A 98 6.36 6.42 -11.07
CA LYS A 98 6.28 7.18 -9.83
C LYS A 98 5.88 8.61 -10.15
N LEU A 99 4.88 9.12 -9.43
CA LEU A 99 4.50 10.52 -9.57
C LEU A 99 5.62 11.42 -9.05
N SER A 100 5.84 12.53 -9.74
CA SER A 100 6.93 13.43 -9.36
C SER A 100 6.65 14.05 -8.00
N PRO A 101 7.68 14.25 -7.16
CA PRO A 101 7.42 14.67 -5.78
C PRO A 101 6.99 16.12 -5.65
N TRP A 102 7.18 16.94 -6.70
CA TRP A 102 6.76 18.34 -6.66
C TRP A 102 5.30 18.52 -7.03
N ILE A 103 4.63 17.49 -7.53
CA ILE A 103 3.23 17.58 -7.93
C ILE A 103 2.37 17.50 -6.67
N ARG A 104 1.63 18.58 -6.41
CA ARG A 104 0.84 18.70 -5.19
C ARG A 104 -0.54 19.24 -5.56
N PRO A 105 -1.45 18.35 -5.97
CA PRO A 105 -2.77 18.81 -6.45
C PRO A 105 -3.61 19.46 -5.36
N ASP A 106 -3.29 19.23 -4.08
CA ASP A 106 -4.07 19.81 -2.99
C ASP A 106 -3.30 20.91 -2.28
N SER A 107 -2.44 21.61 -3.02
CA SER A 107 -1.77 22.77 -2.50
C SER A 107 -2.76 23.91 -2.25
N LYS A 108 -2.31 24.86 -1.43
CA LYS A 108 -3.12 26.00 -1.05
C LYS A 108 -2.98 27.12 -2.06
N VAL A 109 -1.86 27.11 -2.78
CA VAL A 109 -1.55 28.08 -3.82
C VAL A 109 -2.21 27.61 -5.10
N GLU A 110 -3.12 28.43 -5.64
CA GLU A 110 -3.87 28.01 -6.81
C GLU A 110 -2.95 27.70 -7.99
N LYS A 111 -1.91 28.51 -8.17
CA LYS A 111 -0.97 28.29 -9.28
C LYS A 111 -0.28 26.93 -9.15
N ILE A 112 0.06 26.54 -7.92
CA ILE A 112 0.65 25.22 -7.73
C ILE A 112 -0.38 24.13 -7.96
N ARG A 113 -1.64 24.39 -7.60
CA ARG A 113 -2.70 23.42 -7.87
C ARG A 113 -2.85 23.18 -9.37
N ARG A 114 -3.08 24.26 -10.14
CA ARG A 114 -3.25 24.14 -11.58
C ARG A 114 -2.10 23.37 -12.21
N ASN A 115 -0.86 23.76 -11.89
CA ASN A 115 0.30 23.11 -12.50
C ASN A 115 0.38 21.65 -12.13
N SER A 116 0.00 21.32 -10.89
CA SER A 116 0.09 19.94 -10.43
C SER A 116 -0.99 19.07 -11.05
N GLU A 117 -2.19 19.61 -11.25
CA GLU A 117 -3.22 18.88 -11.97
C GLU A 117 -2.74 18.53 -13.38
N ALA A 118 -2.22 19.52 -14.10
CA ALA A 118 -1.76 19.28 -15.47
C ALA A 118 -0.57 18.33 -15.51
N ALA A 119 0.36 18.47 -14.57
CA ALA A 119 1.54 17.61 -14.55
C ALA A 119 1.17 16.18 -14.15
N MET A 120 0.22 16.05 -13.22
CA MET A 120 -0.27 14.73 -12.85
C MET A 120 -0.89 14.01 -14.04
N LEU A 121 -1.77 14.70 -14.78
CA LEU A 121 -2.33 14.11 -15.98
C LEU A 121 -1.24 13.77 -16.99
N GLN A 122 -0.28 14.66 -17.16
CA GLN A 122 0.81 14.41 -18.09
C GLN A 122 1.58 13.15 -17.72
N GLU A 123 1.92 13.00 -16.44
CA GLU A 123 2.70 11.83 -16.03
C GLU A 123 1.87 10.56 -16.07
N LEU A 124 0.61 10.64 -15.64
CA LEU A 124 -0.26 9.46 -15.71
C LEU A 124 -0.51 9.06 -17.17
N ASN A 125 -0.69 10.04 -18.05
CA ASN A 125 -0.92 9.73 -19.45
C ASN A 125 0.31 9.10 -20.09
N PHE A 126 1.51 9.58 -19.71
CA PHE A 126 2.72 8.95 -20.20
C PHE A 126 2.86 7.53 -19.67
N GLY A 127 2.44 7.30 -18.42
CA GLY A 127 2.42 5.94 -17.92
C GLY A 127 1.51 5.05 -18.76
N ALA A 128 0.32 5.53 -19.08
CA ALA A 128 -0.60 4.75 -19.92
C ALA A 128 -0.04 4.61 -21.33
N TYR A 129 0.60 5.67 -21.84
CA TYR A 129 1.25 5.60 -23.14
C TYR A 129 2.28 4.48 -23.19
N LEU A 130 3.02 4.28 -22.10
CA LEU A 130 4.06 3.26 -22.02
C LEU A 130 3.50 1.87 -21.73
N GLY A 131 2.25 1.79 -21.28
CA GLY A 131 1.70 0.50 -20.86
C GLY A 131 2.27 0.00 -19.54
N LEU A 132 2.56 0.89 -18.61
CA LEU A 132 3.13 0.47 -17.33
C LEU A 132 2.12 -0.35 -16.55
N PRO A 133 2.55 -1.41 -15.87
CA PRO A 133 1.59 -2.23 -15.10
C PRO A 133 1.14 -1.58 -13.81
N ALA A 134 1.89 -0.62 -13.28
CA ALA A 134 1.53 0.02 -12.02
C ALA A 134 2.14 1.40 -11.96
N PHE A 135 1.58 2.24 -11.09
CA PHE A 135 2.01 3.62 -10.93
C PHE A 135 1.85 4.01 -9.48
N LEU A 136 2.91 4.54 -8.88
CA LEU A 136 2.93 4.89 -7.46
C LEU A 136 2.58 6.35 -7.26
N LEU A 137 1.62 6.62 -6.38
CA LEU A 137 1.25 7.97 -5.98
C LEU A 137 1.22 8.04 -4.46
N PRO A 138 1.66 9.16 -3.87
CA PRO A 138 1.74 9.23 -2.41
C PRO A 138 0.45 9.71 -1.76
N LEU A 139 0.15 9.11 -0.62
CA LEU A 139 -0.79 9.66 0.35
C LEU A 139 0.05 10.06 1.56
N ASN A 140 0.54 11.29 1.57
CA ASN A 140 1.43 11.77 2.63
C ASN A 140 0.82 12.89 3.47
N GLN A 141 -0.48 13.13 3.34
CA GLN A 141 -1.17 14.12 4.16
C GLN A 141 -2.64 13.74 4.23
N GLU A 142 -3.42 14.54 4.96
CA GLU A 142 -4.81 14.18 5.21
C GLU A 142 -5.70 14.49 4.01
N ASP A 143 -5.50 15.64 3.37
CA ASP A 143 -6.41 16.13 2.34
C ASP A 143 -5.84 15.80 0.97
N ASN A 144 -6.42 14.81 0.29
CA ASN A 144 -6.02 14.47 -1.06
C ASN A 144 -7.23 14.45 -1.99
N THR A 145 -8.20 15.32 -1.74
CA THR A 145 -9.43 15.31 -2.53
C THR A 145 -9.15 15.59 -4.00
N ASN A 146 -8.34 16.61 -4.29
CA ASN A 146 -8.08 16.95 -5.67
C ASN A 146 -7.20 15.91 -6.34
N LEU A 147 -6.25 15.34 -5.59
CA LEU A 147 -5.50 14.19 -6.07
C LEU A 147 -6.43 13.05 -6.44
N ALA A 148 -7.44 12.80 -5.61
CA ALA A 148 -8.40 11.75 -5.92
C ALA A 148 -9.21 12.07 -7.16
N ARG A 149 -9.61 13.34 -7.32
CA ARG A 149 -10.42 13.70 -8.47
C ARG A 149 -9.62 13.59 -9.77
N VAL A 150 -8.36 13.99 -9.75
CA VAL A 150 -7.55 13.90 -10.97
C VAL A 150 -7.30 12.43 -11.33
N LEU A 151 -7.01 11.60 -10.33
CA LEU A 151 -6.83 10.17 -10.59
C LEU A 151 -8.13 9.55 -11.11
N THR A 152 -9.25 9.87 -10.45
CA THR A 152 -10.54 9.36 -10.90
C THR A 152 -10.85 9.83 -12.31
N ASN A 153 -10.53 11.08 -12.64
CA ASN A 153 -10.76 11.55 -14.00
C ASN A 153 -9.90 10.78 -14.99
N HIS A 154 -8.67 10.42 -14.59
CA HIS A 154 -7.80 9.65 -15.45
C HIS A 154 -8.29 8.21 -15.60
N ILE A 155 -8.76 7.62 -14.52
CA ILE A 155 -9.25 6.23 -14.57
C ILE A 155 -10.44 6.14 -15.51
N HIS A 156 -11.26 7.18 -15.56
CA HIS A 156 -12.44 7.22 -16.40
C HIS A 156 -12.17 7.84 -17.76
N THR A 157 -10.91 7.81 -18.21
CA THR A 157 -10.53 8.29 -19.53
C THR A 157 -10.02 7.07 -20.29
N GLY A 158 -10.88 6.51 -21.13
CA GLY A 158 -10.57 5.25 -21.77
C GLY A 158 -10.74 4.10 -20.79
N HIS A 159 -10.52 2.89 -21.29
CA HIS A 159 -10.64 1.68 -20.50
C HIS A 159 -9.28 1.02 -20.39
N HIS A 160 -8.71 1.05 -19.18
CA HIS A 160 -7.40 0.47 -18.92
C HIS A 160 -7.47 -0.33 -17.64
N SER A 161 -6.46 -1.18 -17.43
CA SER A 161 -6.46 -2.12 -16.32
C SER A 161 -5.24 -1.99 -15.42
N SER A 162 -4.31 -1.09 -15.73
CA SER A 162 -3.10 -0.93 -14.92
C SER A 162 -3.47 -0.47 -13.51
N MET A 163 -2.57 -0.75 -12.57
CA MET A 163 -2.82 -0.54 -11.15
C MET A 163 -2.23 0.79 -10.69
N PHE A 164 -2.88 1.39 -9.70
CA PHE A 164 -2.35 2.58 -9.03
C PHE A 164 -2.08 2.22 -7.58
N TRP A 165 -0.81 2.22 -7.19
CA TRP A 165 -0.39 1.89 -5.83
C TRP A 165 -0.29 3.19 -5.03
N MET A 166 -1.17 3.36 -4.05
CA MET A 166 -1.12 4.51 -3.17
C MET A 166 -0.09 4.26 -2.08
N ARG A 167 0.96 5.08 -2.06
CA ARG A 167 2.05 4.93 -1.10
C ARG A 167 1.62 5.57 0.21
N VAL A 168 1.28 4.73 1.18
CA VAL A 168 0.81 5.25 2.47
C VAL A 168 1.59 4.56 3.60
N PRO A 169 2.09 5.31 4.56
CA PRO A 169 2.86 4.70 5.65
C PRO A 169 1.97 4.20 6.78
N LEU A 170 2.47 3.17 7.47
CA LEU A 170 1.85 2.76 8.73
C LEU A 170 1.76 3.93 9.70
N VAL A 171 2.85 4.69 9.83
CA VAL A 171 2.92 5.82 10.75
C VAL A 171 3.16 7.08 9.94
N ALA A 172 2.35 8.11 10.19
CA ALA A 172 2.48 9.38 9.49
C ALA A 172 3.84 10.02 9.79
N PRO A 173 4.40 10.77 8.82
CA PRO A 173 5.69 11.45 9.05
C PRO A 173 5.71 12.34 10.28
N GLU A 174 4.62 13.05 10.56
CA GLU A 174 4.58 13.90 11.75
C GLU A 174 4.63 13.09 13.04
N ASP A 175 4.22 11.82 13.00
CA ASP A 175 4.07 11.01 14.19
C ASP A 175 5.29 10.16 14.52
N LEU A 176 6.38 10.26 13.74
CA LEU A 176 7.57 9.48 14.05
C LEU A 176 8.84 10.33 13.95
N ARG A 177 8.69 11.65 13.80
CA ARG A 177 9.83 12.55 13.77
C ARG A 177 10.56 12.53 15.10
N ASP A 178 11.84 12.86 15.05
CA ASP A 178 12.63 12.93 16.27
C ASP A 178 12.09 14.00 17.21
N ASP A 179 12.16 13.72 18.50
CA ASP A 179 11.74 14.69 19.53
C ASP A 179 12.91 15.62 19.82
N ILE A 180 13.21 16.49 18.86
CA ILE A 180 14.40 17.33 18.93
C ILE A 180 14.06 18.80 18.69
N ILE A 181 12.78 19.13 18.65
CA ILE A 181 12.33 20.52 18.57
C ILE A 181 11.96 20.95 19.97
N GLU A 182 12.71 21.89 20.54
CA GLU A 182 12.59 22.18 21.96
C GLU A 182 11.28 22.87 22.31
N ASN A 183 10.73 23.66 21.39
CA ASN A 183 9.47 24.36 21.63
C ASN A 183 8.29 23.72 20.90
N ALA A 184 8.44 22.48 20.45
CA ALA A 184 7.35 21.71 19.87
C ALA A 184 7.55 20.24 20.21
N PRO A 185 7.36 19.88 21.47
CA PRO A 185 7.65 18.50 21.89
C PRO A 185 6.66 17.52 21.27
N THR A 186 7.14 16.31 21.03
CA THR A 186 6.29 15.28 20.44
C THR A 186 5.28 14.80 21.47
N THR A 187 4.08 14.48 20.99
CA THR A 187 3.04 13.96 21.86
C THR A 187 3.48 12.63 22.48
N HIS A 188 3.38 12.54 23.80
CA HIS A 188 3.63 11.30 24.53
C HIS A 188 2.34 10.71 25.10
N THR A 189 1.20 11.33 24.82
CA THR A 189 -0.10 10.85 25.28
C THR A 189 -0.73 9.99 24.19
N GLU A 190 -1.25 8.84 24.58
CA GLU A 190 -1.81 7.90 23.60
C GLU A 190 -3.05 8.48 22.94
N GLU A 191 -3.11 8.39 21.61
CA GLU A 191 -4.25 8.83 20.82
C GLU A 191 -4.68 7.64 19.97
N TYR A 192 -5.61 6.84 20.49
CA TYR A 192 -6.01 5.61 19.82
C TYR A 192 -6.45 5.87 18.38
N SER A 193 -7.32 6.85 18.18
CA SER A 193 -7.79 7.17 16.83
C SER A 193 -6.73 7.94 16.04
N GLY A 194 -6.01 8.85 16.70
CA GLY A 194 -5.00 9.64 16.00
C GLY A 194 -3.88 8.81 15.42
N GLU A 195 -3.45 7.77 16.15
CA GLU A 195 -2.42 6.89 15.63
C GLU A 195 -2.91 6.01 14.49
N GLU A 196 -4.22 6.02 14.22
CA GLU A 196 -4.80 5.35 13.08
C GLU A 196 -5.06 6.33 11.92
N LYS A 197 -4.38 7.47 11.91
CA LYS A 197 -4.77 8.51 10.97
C LYS A 197 -4.48 8.13 9.52
N THR A 198 -3.41 7.36 9.26
CA THR A 198 -3.07 7.07 7.87
C THR A 198 -4.04 6.08 7.23
N TRP A 199 -4.66 5.20 8.02
CA TRP A 199 -5.73 4.39 7.46
C TRP A 199 -6.88 5.28 6.99
N MET A 200 -7.19 6.34 7.74
CA MET A 200 -8.24 7.25 7.33
C MET A 200 -7.88 7.99 6.05
N TRP A 201 -6.60 8.35 5.89
CA TRP A 201 -6.15 8.94 4.63
C TRP A 201 -6.51 8.04 3.46
N TRP A 202 -6.17 6.74 3.58
CA TRP A 202 -6.44 5.80 2.52
C TRP A 202 -7.94 5.59 2.34
N HIS A 203 -8.66 5.41 3.45
CA HIS A 203 -10.09 5.14 3.37
C HIS A 203 -10.83 6.27 2.68
N ASN A 204 -10.56 7.51 3.08
CA ASN A 204 -11.19 8.65 2.44
C ASN A 204 -10.83 8.73 0.96
N PHE A 205 -9.57 8.49 0.64
CA PHE A 205 -9.12 8.60 -0.75
C PHE A 205 -9.87 7.60 -1.64
N ARG A 206 -9.87 6.33 -1.26
CA ARG A 206 -10.55 5.31 -2.05
C ARG A 206 -12.05 5.52 -2.08
N THR A 207 -12.62 6.14 -1.03
CA THR A 207 -14.04 6.41 -1.02
C THR A 207 -14.41 7.47 -2.05
N LEU A 208 -13.59 8.52 -2.15
CA LEU A 208 -13.77 9.51 -3.20
C LEU A 208 -13.66 8.88 -4.58
N CYS A 209 -12.73 7.95 -4.76
CA CYS A 209 -12.53 7.28 -6.03
C CYS A 209 -13.51 6.11 -6.24
N ASP A 210 -14.44 5.92 -5.31
CA ASP A 210 -15.53 4.95 -5.42
C ASP A 210 -15.00 3.52 -5.59
N TYR A 211 -14.08 3.14 -4.71
CA TYR A 211 -13.59 1.77 -4.61
C TYR A 211 -13.17 1.21 -5.97
N SER A 212 -12.46 2.04 -6.74
CA SER A 212 -11.96 1.59 -8.03
C SER A 212 -11.04 0.38 -7.84
N LYS A 213 -11.29 -0.67 -8.62
CA LYS A 213 -10.50 -1.88 -8.55
C LYS A 213 -9.04 -1.65 -8.95
N ARG A 214 -8.76 -0.57 -9.68
CA ARG A 214 -7.40 -0.27 -10.11
C ARG A 214 -6.58 0.44 -9.03
N ILE A 215 -7.16 0.76 -7.88
CA ILE A 215 -6.47 1.52 -6.82
C ILE A 215 -6.22 0.59 -5.65
N ALA A 216 -4.95 0.40 -5.31
CA ALA A 216 -4.53 -0.49 -4.23
C ALA A 216 -3.51 0.22 -3.34
N VAL A 217 -3.10 -0.46 -2.27
CA VAL A 217 -2.27 0.13 -1.22
C VAL A 217 -0.84 -0.38 -1.37
N ALA A 218 0.11 0.54 -1.37
CA ALA A 218 1.52 0.21 -1.16
C ALA A 218 1.87 0.63 0.26
N LEU A 219 1.85 -0.32 1.19
CA LEU A 219 2.01 -0.01 2.60
C LEU A 219 3.49 0.16 2.93
N GLU A 220 3.85 1.34 3.40
CA GLU A 220 5.23 1.68 3.74
C GLU A 220 5.48 1.38 5.22
N ILE A 221 6.42 0.49 5.50
CA ILE A 221 6.73 0.06 6.85
C ILE A 221 7.79 0.98 7.43
N GLY A 222 7.68 1.29 8.73
CA GLY A 222 8.56 2.21 9.39
C GLY A 222 9.51 1.53 10.37
N ALA A 223 10.51 2.31 10.82
CA ALA A 223 11.48 1.80 11.77
C ALA A 223 10.81 1.32 13.05
N ASP A 224 9.98 2.17 13.64
CA ASP A 224 9.17 1.78 14.80
C ASP A 224 7.79 1.39 14.30
N LEU A 225 7.39 0.16 14.57
CA LEU A 225 6.04 -0.27 14.26
C LEU A 225 5.06 0.39 15.24
N PRO A 226 3.87 0.75 14.78
CA PRO A 226 2.84 1.27 15.69
C PRO A 226 2.21 0.11 16.45
N SER A 227 1.29 0.46 17.35
CA SER A 227 0.58 -0.55 18.14
C SER A 227 -0.17 -1.50 17.20
N ASN A 228 -0.60 -2.63 17.77
CA ASN A 228 -1.21 -3.68 16.96
C ASN A 228 -2.52 -3.22 16.33
N HIS A 229 -3.25 -2.33 16.99
CA HIS A 229 -4.51 -1.90 16.39
C HIS A 229 -4.28 -1.05 15.14
N VAL A 230 -3.16 -0.33 15.06
CA VAL A 230 -2.89 0.53 13.91
C VAL A 230 -2.62 -0.33 12.67
N ILE A 231 -1.66 -1.26 12.77
CA ILE A 231 -1.52 -2.31 11.76
C ILE A 231 -2.86 -2.99 11.47
N ASP A 232 -3.61 -3.34 12.50
CA ASP A 232 -4.80 -4.16 12.27
C ASP A 232 -5.87 -3.45 11.45
N ARG A 233 -5.83 -2.11 11.34
CA ARG A 233 -6.76 -1.44 10.43
C ARG A 233 -6.59 -1.96 9.01
N TRP A 234 -5.36 -2.26 8.61
CA TRP A 234 -5.02 -2.62 7.23
C TRP A 234 -5.43 -4.03 6.88
N LEU A 235 -5.98 -4.78 7.83
CA LEU A 235 -6.52 -6.09 7.54
C LEU A 235 -7.71 -5.96 6.60
N GLY A 236 -7.75 -6.84 5.60
CA GLY A 236 -8.80 -6.77 4.60
C GLY A 236 -8.67 -5.65 3.60
N GLU A 237 -7.60 -4.85 3.68
CA GLU A 237 -7.42 -3.82 2.67
C GLU A 237 -6.66 -4.37 1.47
N PRO A 238 -6.90 -3.81 0.28
CA PRO A 238 -6.21 -4.31 -0.93
C PRO A 238 -4.73 -3.93 -0.96
N ILE A 239 -3.95 -4.50 -0.07
CA ILE A 239 -2.50 -4.26 -0.05
C ILE A 239 -1.87 -5.06 -1.19
N LYS A 240 -1.28 -4.36 -2.15
CA LYS A 240 -0.59 -5.03 -3.24
C LYS A 240 0.92 -5.01 -3.07
N ALA A 241 1.46 -4.10 -2.27
CA ALA A 241 2.90 -4.00 -2.08
C ALA A 241 3.20 -3.54 -0.66
N ALA A 242 4.37 -3.97 -0.17
CA ALA A 242 4.89 -3.53 1.12
C ALA A 242 6.27 -2.93 0.89
N ILE A 243 6.44 -1.68 1.29
CA ILE A 243 7.69 -0.97 1.06
C ILE A 243 8.53 -1.02 2.35
N LEU A 244 9.73 -1.58 2.24
CA LEU A 244 10.63 -1.74 3.37
C LEU A 244 11.86 -0.86 3.17
N PRO A 245 11.96 0.28 3.84
CA PRO A 245 13.19 1.07 3.76
C PRO A 245 14.37 0.30 4.33
N THR A 246 15.56 0.55 3.77
CA THR A 246 16.77 -0.09 4.28
C THR A 246 17.05 0.33 5.72
N SER A 247 16.61 1.53 6.10
CA SER A 247 16.85 2.07 7.43
C SER A 247 16.11 1.32 8.54
N ILE A 248 15.20 0.40 8.20
CA ILE A 248 14.51 -0.35 9.24
C ILE A 248 15.18 -1.69 9.53
N PHE A 249 16.18 -2.06 8.75
CA PHE A 249 16.86 -3.33 8.95
C PHE A 249 17.86 -3.24 10.10
N LEU A 250 17.87 -4.27 10.94
CA LEU A 250 18.86 -4.39 12.00
C LEU A 250 20.15 -4.98 11.44
N THR A 251 21.17 -5.08 12.29
CA THR A 251 22.51 -5.45 11.84
C THR A 251 23.02 -6.57 12.75
N ASN A 252 23.11 -7.78 12.20
CA ASN A 252 23.36 -8.96 13.03
C ASN A 252 24.87 -9.13 13.27
N LYS A 253 25.24 -10.25 13.88
CA LYS A 253 26.63 -10.49 14.28
C LYS A 253 27.58 -10.35 13.10
N LYS A 254 27.24 -10.98 11.98
CA LYS A 254 28.09 -10.91 10.80
C LYS A 254 27.92 -9.63 10.01
N GLY A 255 27.03 -8.73 10.43
CA GLY A 255 26.78 -7.51 9.70
C GLY A 255 25.75 -7.60 8.61
N PHE A 256 25.15 -8.78 8.39
CA PHE A 256 24.09 -8.91 7.41
C PHE A 256 22.84 -8.20 7.89
N PRO A 257 22.06 -7.59 6.99
CA PRO A 257 20.82 -6.92 7.42
C PRO A 257 19.76 -7.93 7.79
N VAL A 258 19.11 -7.70 8.94
CA VAL A 258 18.00 -8.52 9.42
C VAL A 258 16.91 -7.59 9.93
N LEU A 259 15.84 -8.18 10.47
CA LEU A 259 14.72 -7.43 10.99
C LEU A 259 14.43 -7.86 12.43
N SER A 260 13.74 -6.99 13.16
CA SER A 260 13.36 -7.27 14.53
C SER A 260 12.34 -8.42 14.57
N LYS A 261 12.15 -8.97 15.78
CA LYS A 261 11.13 -9.99 15.96
C LYS A 261 9.76 -9.47 15.56
N MET A 262 9.47 -8.21 15.89
CA MET A 262 8.17 -7.63 15.53
C MET A 262 8.03 -7.47 14.01
N HIS A 263 9.08 -6.97 13.35
CA HIS A 263 9.02 -6.79 11.91
C HIS A 263 8.90 -8.13 11.19
N GLN A 264 9.59 -9.15 11.69
CA GLN A 264 9.47 -10.48 11.10
C GLN A 264 8.04 -10.98 11.17
N ARG A 265 7.37 -10.75 12.30
CA ARG A 265 5.96 -11.15 12.42
C ARG A 265 5.11 -10.45 11.37
N LEU A 266 5.41 -9.19 11.08
CA LEU A 266 4.63 -8.45 10.09
C LEU A 266 4.94 -8.96 8.67
N ILE A 267 6.21 -9.22 8.37
CA ILE A 267 6.56 -9.77 7.05
C ILE A 267 5.87 -11.10 6.82
N PHE A 268 5.93 -11.99 7.83
CA PHE A 268 5.25 -13.28 7.72
C PHE A 268 3.78 -13.12 7.45
N ARG A 269 3.14 -12.10 8.05
CA ARG A 269 1.71 -12.05 7.89
C ARG A 269 1.33 -11.28 6.65
N LEU A 270 2.27 -10.53 6.07
CA LEU A 270 2.13 -10.01 4.71
C LEU A 270 2.42 -11.07 3.66
N LEU A 271 3.30 -12.02 3.97
CA LEU A 271 3.57 -13.10 3.04
C LEU A 271 2.33 -13.92 2.78
N LYS A 272 1.44 -14.01 3.78
CA LYS A 272 0.19 -14.74 3.59
C LYS A 272 -0.71 -14.02 2.58
N LEU A 273 -0.73 -12.68 2.59
CA LEU A 273 -1.39 -12.01 1.48
C LEU A 273 -0.61 -12.06 0.19
N GLU A 274 0.63 -12.56 0.20
CA GLU A 274 1.40 -12.68 -1.03
C GLU A 274 1.46 -11.32 -1.74
N VAL A 275 1.99 -10.34 -1.02
CA VAL A 275 2.16 -9.01 -1.59
C VAL A 275 3.51 -8.99 -2.30
N GLN A 276 3.79 -7.93 -3.04
CA GLN A 276 5.12 -7.71 -3.57
C GLN A 276 5.87 -6.79 -2.63
N PHE A 277 7.14 -7.11 -2.41
CA PHE A 277 7.96 -6.36 -1.47
C PHE A 277 8.89 -5.43 -2.22
N ILE A 278 9.02 -4.20 -1.73
CA ILE A 278 9.79 -3.15 -2.37
C ILE A 278 10.85 -2.66 -1.39
N ILE A 279 12.10 -2.60 -1.84
CA ILE A 279 13.22 -2.10 -1.06
C ILE A 279 13.51 -0.68 -1.50
N THR A 280 13.37 0.27 -0.58
CA THR A 280 13.69 1.67 -0.85
C THR A 280 14.81 2.12 0.08
N GLY A 281 15.45 3.23 -0.29
CA GLY A 281 16.59 3.75 0.44
C GLY A 281 17.92 3.25 -0.10
N THR A 282 19.00 3.91 0.34
CA THR A 282 20.33 3.49 -0.08
C THR A 282 20.85 2.36 0.80
N ASN A 283 21.99 1.81 0.41
CA ASN A 283 22.64 0.79 1.22
C ASN A 283 23.19 1.42 2.50
N HIS A 284 22.82 0.83 3.63
CA HIS A 284 23.38 1.22 4.93
C HIS A 284 24.20 0.10 5.55
N HIS A 285 24.34 -1.03 4.85
CA HIS A 285 25.23 -2.11 5.24
C HIS A 285 26.30 -2.23 4.16
N SER A 286 27.06 -1.15 3.94
CA SER A 286 27.92 -1.04 2.78
C SER A 286 29.07 -2.04 2.78
N GLU A 287 29.38 -2.65 3.95
CA GLU A 287 30.32 -3.77 3.95
C GLU A 287 29.76 -4.93 3.14
N LYS A 288 28.45 -5.15 3.23
CA LYS A 288 27.77 -6.23 2.52
C LYS A 288 27.28 -5.76 1.16
N GLU A 289 26.90 -6.72 0.33
CA GLU A 289 26.31 -6.38 -0.95
C GLU A 289 24.85 -5.98 -0.76
N PHE A 290 24.36 -5.15 -1.69
CA PHE A 290 22.99 -4.65 -1.56
C PHE A 290 21.95 -5.75 -1.73
N CYS A 291 22.28 -6.83 -2.46
CA CYS A 291 21.30 -7.90 -2.65
C CYS A 291 20.92 -8.54 -1.32
N SER A 292 21.76 -8.39 -0.29
CA SER A 292 21.54 -9.08 0.98
C SER A 292 20.20 -8.71 1.60
N TYR A 293 19.75 -7.47 1.40
CA TYR A 293 18.40 -7.07 1.83
C TYR A 293 17.35 -8.00 1.23
N LEU A 294 17.45 -8.24 -0.08
CA LEU A 294 16.58 -9.18 -0.76
C LEU A 294 16.76 -10.60 -0.24
N GLN A 295 18.02 -11.03 -0.08
CA GLN A 295 18.31 -12.37 0.42
C GLN A 295 17.68 -12.66 1.78
N TYR A 296 17.55 -11.66 2.65
CA TYR A 296 16.94 -11.93 3.94
C TYR A 296 15.44 -12.19 3.79
N LEU A 297 14.79 -11.47 2.88
CA LEU A 297 13.36 -11.69 2.61
C LEU A 297 13.12 -13.10 2.09
N GLU A 298 13.95 -13.54 1.15
CA GLU A 298 13.84 -14.91 0.65
C GLU A 298 14.11 -15.91 1.77
N TYR A 299 15.06 -15.59 2.65
CA TYR A 299 15.33 -16.43 3.81
C TYR A 299 14.08 -16.59 4.67
N LEU A 300 13.45 -15.47 5.04
CA LEU A 300 12.22 -15.53 5.83
C LEU A 300 11.13 -16.31 5.11
N SER A 301 11.03 -16.16 3.80
CA SER A 301 9.92 -16.76 3.07
C SER A 301 10.02 -18.28 3.03
N GLN A 302 11.24 -18.83 3.06
CA GLN A 302 11.30 -20.29 3.02
C GLN A 302 11.22 -20.91 4.41
N ASN A 303 11.23 -20.11 5.47
CA ASN A 303 11.16 -20.65 6.82
C ASN A 303 9.81 -20.46 7.47
N ARG A 304 8.85 -19.88 6.77
CA ARG A 304 7.48 -19.90 7.26
C ARG A 304 6.95 -21.33 7.30
N PRO A 305 5.96 -21.59 8.17
CA PRO A 305 5.34 -22.91 8.23
C PRO A 305 4.89 -23.38 6.86
N PRO A 306 5.37 -24.55 6.42
CA PRO A 306 5.01 -25.06 5.09
C PRO A 306 3.51 -25.22 4.94
N PRO A 307 3.02 -25.36 3.71
CA PRO A 307 1.57 -25.38 3.49
C PRO A 307 0.90 -26.56 4.19
N ASN A 308 -0.17 -26.29 4.93
CA ASN A 308 -0.87 -27.42 5.51
C ASN A 308 -1.70 -28.12 4.43
N ALA A 309 -2.39 -29.18 4.84
CA ALA A 309 -3.24 -29.92 3.90
C ALA A 309 -4.35 -29.02 3.34
N TYR A 310 -4.96 -28.18 4.19
CA TYR A 310 -6.00 -27.27 3.73
C TYR A 310 -5.46 -26.28 2.70
N GLU A 311 -4.30 -25.68 2.99
CA GLU A 311 -3.73 -24.68 2.08
C GLU A 311 -3.26 -25.32 0.77
N LEU A 312 -2.76 -26.55 0.83
CA LEU A 312 -2.32 -27.22 -0.40
C LEU A 312 -3.48 -27.43 -1.36
N PHE A 313 -4.66 -27.79 -0.83
CA PHE A 313 -5.79 -28.11 -1.69
C PHE A 313 -6.52 -26.85 -2.17
N ALA A 314 -6.60 -25.81 -1.34
CA ALA A 314 -7.44 -24.64 -1.61
C ALA A 314 -6.69 -23.53 -2.34
N LYS A 315 -5.48 -23.81 -2.81
CA LYS A 315 -4.69 -22.85 -3.56
C LYS A 315 -5.45 -22.36 -4.80
N GLY A 316 -5.43 -21.04 -5.02
CA GLY A 316 -6.13 -20.46 -6.14
C GLY A 316 -7.53 -19.98 -5.84
N TYR A 317 -8.11 -20.42 -4.72
CA TYR A 317 -9.47 -20.12 -4.37
C TYR A 317 -9.59 -18.95 -3.40
N GLU A 318 -8.48 -18.34 -2.99
CA GLU A 318 -8.52 -17.22 -2.05
C GLU A 318 -9.42 -16.12 -2.57
N ASP A 319 -10.46 -15.80 -1.79
CA ASP A 319 -11.38 -14.70 -2.08
C ASP A 319 -12.03 -14.83 -3.46
N TYR A 320 -12.13 -16.05 -3.98
CA TYR A 320 -12.79 -16.29 -5.26
C TYR A 320 -14.27 -16.60 -4.99
N LEU A 321 -15.15 -15.78 -5.57
CA LEU A 321 -16.58 -15.90 -5.30
C LEU A 321 -17.21 -16.96 -6.17
N GLN A 322 -18.08 -17.77 -5.57
CA GLN A 322 -18.84 -18.76 -6.30
C GLN A 322 -20.28 -18.77 -5.80
N SER A 323 -21.21 -19.01 -6.71
CA SER A 323 -22.59 -19.23 -6.32
C SER A 323 -22.69 -20.53 -5.53
N PRO A 324 -23.45 -20.57 -4.44
CA PRO A 324 -23.59 -21.82 -3.69
C PRO A 324 -24.27 -22.89 -4.53
N LEU A 325 -23.71 -24.10 -4.49
CA LEU A 325 -24.36 -25.25 -5.10
C LEU A 325 -25.74 -25.46 -4.49
N GLN A 326 -26.69 -25.89 -5.33
CA GLN A 326 -28.03 -26.26 -4.89
C GLN A 326 -28.29 -27.69 -5.34
N PRO A 327 -27.76 -28.68 -4.60
CA PRO A 327 -27.91 -30.08 -5.04
C PRO A 327 -29.34 -30.54 -5.10
N LEU A 328 -30.27 -29.85 -4.43
CA LEU A 328 -31.67 -30.22 -4.53
C LEU A 328 -32.28 -29.74 -5.85
N MET A 329 -32.18 -28.45 -6.14
CA MET A 329 -32.79 -27.90 -7.35
C MET A 329 -32.05 -28.37 -8.60
N ASP A 330 -30.72 -28.45 -8.53
CA ASP A 330 -29.87 -28.80 -9.66
C ASP A 330 -29.30 -30.21 -9.49
N ASN A 331 -29.00 -30.84 -10.62
CA ASN A 331 -28.27 -32.10 -10.63
C ASN A 331 -26.78 -31.81 -10.75
N LEU A 332 -26.02 -32.19 -9.73
CA LEU A 332 -24.60 -31.88 -9.68
C LEU A 332 -23.83 -32.66 -10.74
N GLU A 333 -22.76 -32.05 -11.24
CA GLU A 333 -21.93 -32.68 -12.25
C GLU A 333 -20.97 -33.70 -11.62
N SER A 334 -20.42 -34.55 -12.48
CA SER A 334 -19.56 -35.64 -12.02
C SER A 334 -18.33 -35.11 -11.27
N GLN A 335 -17.69 -34.07 -11.80
CA GLN A 335 -16.48 -33.57 -11.16
C GLN A 335 -16.78 -32.80 -9.87
N THR A 336 -18.04 -32.40 -9.66
CA THR A 336 -18.40 -31.81 -8.38
C THR A 336 -18.43 -32.88 -7.29
N TYR A 337 -19.05 -34.03 -7.58
CA TYR A 337 -19.01 -35.15 -6.66
C TYR A 337 -17.58 -35.59 -6.39
N GLU A 338 -16.73 -35.56 -7.42
CA GLU A 338 -15.33 -35.93 -7.23
C GLU A 338 -14.64 -35.01 -6.22
N VAL A 339 -14.94 -33.71 -6.28
CA VAL A 339 -14.37 -32.79 -5.29
C VAL A 339 -14.91 -33.09 -3.90
N PHE A 340 -16.21 -33.39 -3.80
CA PHE A 340 -16.79 -33.81 -2.53
C PHE A 340 -16.03 -34.99 -1.93
N GLU A 341 -15.51 -35.87 -2.78
CA GLU A 341 -14.97 -37.15 -2.33
C GLU A 341 -13.48 -37.09 -1.98
N LYS A 342 -12.76 -36.02 -2.33
CA LYS A 342 -11.32 -35.97 -2.03
C LYS A 342 -11.00 -35.73 -0.56
N ASP A 343 -11.99 -35.77 0.34
CA ASP A 343 -11.78 -35.39 1.74
C ASP A 343 -11.92 -36.61 2.65
N PRO A 344 -10.82 -37.29 2.97
CA PRO A 344 -10.92 -38.51 3.79
C PRO A 344 -11.35 -38.22 5.22
N ILE A 345 -11.04 -37.04 5.76
CA ILE A 345 -11.41 -36.73 7.14
C ILE A 345 -12.91 -36.69 7.29
N LYS A 346 -13.61 -36.05 6.35
CA LYS A 346 -15.06 -35.90 6.47
C LYS A 346 -15.75 -37.26 6.51
N TYR A 347 -15.29 -38.22 5.71
CA TYR A 347 -16.00 -39.49 5.63
C TYR A 347 -15.56 -40.48 6.71
N SER A 348 -14.31 -40.41 7.17
CA SER A 348 -13.93 -41.22 8.33
C SER A 348 -14.70 -40.77 9.56
N GLN A 349 -14.94 -39.46 9.71
CA GLN A 349 -15.82 -38.96 10.75
C GLN A 349 -17.22 -39.56 10.63
N TYR A 350 -17.75 -39.59 9.40
CA TYR A 350 -19.04 -40.23 9.16
C TYR A 350 -18.99 -41.72 9.48
N GLN A 351 -17.91 -42.38 9.08
CA GLN A 351 -17.73 -43.80 9.40
C GLN A 351 -17.72 -44.00 10.91
N GLN A 352 -16.93 -43.20 11.62
CA GLN A 352 -16.87 -43.31 13.08
C GLN A 352 -18.23 -43.08 13.71
N ALA A 353 -19.02 -42.16 13.15
CA ALA A 353 -20.35 -41.89 13.71
C ALA A 353 -21.28 -43.08 13.49
N ILE A 354 -21.25 -43.67 12.29
CA ILE A 354 -22.08 -44.84 12.03
C ILE A 354 -21.59 -46.03 12.85
N TYR A 355 -20.28 -46.18 12.97
CA TYR A 355 -19.70 -47.23 13.79
C TYR A 355 -20.24 -47.19 15.22
N LYS A 356 -20.19 -46.01 15.85
CA LYS A 356 -20.63 -45.90 17.24
C LYS A 356 -22.13 -46.12 17.40
N CYS A 357 -22.93 -45.71 16.41
CA CYS A 357 -24.37 -45.90 16.50
C CYS A 357 -24.74 -47.37 16.40
N LEU A 358 -24.03 -48.14 15.56
CA LEU A 358 -24.34 -49.55 15.41
C LEU A 358 -24.08 -50.30 16.71
N LEU A 359 -22.94 -50.04 17.35
CA LEU A 359 -22.63 -50.67 18.63
C LEU A 359 -23.66 -50.30 19.68
N ASP A 360 -24.07 -49.03 19.72
CA ASP A 360 -25.10 -48.60 20.65
C ASP A 360 -26.44 -49.30 20.40
N ARG A 361 -26.72 -49.63 19.14
CA ARG A 361 -28.06 -50.11 18.78
C ARG A 361 -28.18 -51.63 18.81
N VAL A 362 -27.11 -52.37 18.53
CA VAL A 362 -27.16 -53.83 18.56
C VAL A 362 -26.17 -54.31 19.61
N PRO A 363 -26.59 -55.10 20.59
CA PRO A 363 -25.64 -55.63 21.57
C PRO A 363 -24.83 -56.79 21.02
N GLU A 364 -23.68 -57.02 21.69
CA GLU A 364 -22.77 -58.11 21.37
C GLU A 364 -23.51 -59.43 21.18
N GLU A 365 -24.51 -59.70 22.03
CA GLU A 365 -25.24 -60.96 21.95
C GLU A 365 -26.15 -61.02 20.73
N GLU A 366 -26.66 -59.88 20.27
CA GLU A 366 -27.62 -59.84 19.17
C GLU A 366 -26.97 -59.60 17.81
N LYS A 367 -25.65 -59.69 17.72
CA LYS A 367 -24.96 -59.14 16.56
C LYS A 367 -25.23 -59.93 15.28
N ASP A 368 -25.51 -61.22 15.39
CA ASP A 368 -25.78 -62.02 14.20
C ASP A 368 -27.26 -62.02 13.82
N THR A 369 -28.16 -61.75 14.78
CA THR A 369 -29.58 -61.76 14.48
C THR A 369 -30.09 -60.40 14.02
N ASN A 370 -29.55 -59.32 14.57
CA ASN A 370 -30.06 -57.97 14.32
C ASN A 370 -29.39 -57.39 13.07
N VAL A 371 -30.16 -57.22 12.01
CA VAL A 371 -29.71 -56.53 10.80
C VAL A 371 -30.28 -55.12 10.83
N GLN A 372 -29.40 -54.12 10.89
CA GLN A 372 -29.83 -52.73 10.92
C GLN A 372 -30.11 -52.23 9.51
N VAL A 373 -31.22 -51.51 9.36
CA VAL A 373 -31.59 -50.94 8.07
C VAL A 373 -31.08 -49.49 8.03
N LEU A 374 -30.04 -49.27 7.25
CA LEU A 374 -29.46 -47.95 7.04
C LEU A 374 -29.92 -47.40 5.69
N MET A 375 -30.33 -46.14 5.67
CA MET A 375 -30.68 -45.46 4.41
C MET A 375 -29.80 -44.23 4.25
N VAL A 376 -29.05 -44.18 3.16
CA VAL A 376 -28.28 -43.00 2.79
C VAL A 376 -29.18 -42.12 1.95
N LEU A 377 -29.54 -40.96 2.49
CA LEU A 377 -30.52 -40.06 1.87
C LEU A 377 -29.76 -38.97 1.12
N GLY A 378 -29.63 -39.15 -0.19
CA GLY A 378 -28.78 -38.29 -1.01
C GLY A 378 -27.41 -38.89 -1.18
N ALA A 379 -27.38 -40.10 -1.73
CA ALA A 379 -26.18 -40.90 -1.89
C ALA A 379 -25.09 -40.41 -2.80
N GLY A 380 -25.41 -39.53 -3.72
CA GLY A 380 -24.39 -39.04 -4.62
C GLY A 380 -23.78 -40.21 -5.37
N ARG A 381 -22.47 -40.33 -5.31
CA ARG A 381 -21.76 -41.40 -6.00
C ARG A 381 -21.39 -42.56 -5.08
N GLY A 382 -21.97 -42.57 -3.88
CA GLY A 382 -21.73 -43.62 -2.90
C GLY A 382 -20.70 -43.55 -1.80
N PRO A 383 -20.05 -42.40 -1.58
CA PRO A 383 -19.05 -42.35 -0.52
C PRO A 383 -19.68 -42.63 0.85
N LEU A 384 -20.87 -42.13 1.13
CA LEU A 384 -21.53 -42.47 2.37
C LEU A 384 -21.89 -43.94 2.43
N VAL A 385 -22.29 -44.53 1.31
CA VAL A 385 -22.61 -45.95 1.29
C VAL A 385 -21.37 -46.77 1.62
N ASN A 386 -20.24 -46.42 1.05
CA ASN A 386 -19.01 -47.15 1.35
C ASN A 386 -18.60 -46.99 2.80
N ALA A 387 -18.69 -45.78 3.34
CA ALA A 387 -18.34 -45.56 4.73
C ALA A 387 -19.28 -46.31 5.67
N SER A 388 -20.55 -46.48 5.28
CA SER A 388 -21.46 -47.28 6.08
C SER A 388 -21.08 -48.76 6.05
N LEU A 389 -20.66 -49.25 4.89
CA LEU A 389 -20.20 -50.64 4.81
C LEU A 389 -18.94 -50.84 5.63
N ARG A 390 -17.99 -49.90 5.55
CA ARG A 390 -16.78 -50.01 6.35
C ARG A 390 -17.10 -49.96 7.85
N ALA A 391 -18.05 -49.13 8.24
CA ALA A 391 -18.44 -49.05 9.65
C ALA A 391 -19.11 -50.33 10.11
N ALA A 392 -19.86 -51.00 9.22
CA ALA A 392 -20.49 -52.26 9.58
C ALA A 392 -19.45 -53.33 9.88
N LYS A 393 -18.45 -53.48 9.01
CA LYS A 393 -17.38 -54.43 9.27
C LYS A 393 -16.61 -54.05 10.53
N GLN A 394 -16.25 -52.77 10.66
CA GLN A 394 -15.50 -52.32 11.83
C GLN A 394 -16.24 -52.60 13.12
N ALA A 395 -17.56 -52.32 13.14
CA ALA A 395 -18.38 -52.69 14.27
C ALA A 395 -18.74 -54.17 14.28
N ASP A 396 -18.48 -54.89 13.18
CA ASP A 396 -18.78 -56.31 13.05
C ASP A 396 -20.28 -56.57 13.27
N ARG A 397 -21.11 -55.75 12.62
CA ARG A 397 -22.56 -55.87 12.73
C ARG A 397 -23.17 -55.92 11.32
N ARG A 398 -24.40 -56.41 11.25
CA ARG A 398 -25.07 -56.66 9.98
C ARG A 398 -25.98 -55.49 9.62
N ILE A 399 -25.88 -55.02 8.38
CA ILE A 399 -26.62 -53.86 7.91
C ILE A 399 -27.29 -54.15 6.58
N LYS A 400 -28.47 -53.56 6.40
CA LYS A 400 -29.17 -53.49 5.11
C LYS A 400 -29.17 -52.04 4.66
N LEU A 401 -28.84 -51.79 3.38
CA LEU A 401 -28.62 -50.44 2.89
C LEU A 401 -29.59 -50.09 1.77
N TYR A 402 -30.18 -48.90 1.88
CA TYR A 402 -30.85 -48.23 0.77
C TYR A 402 -30.06 -46.96 0.44
N ALA A 403 -29.74 -46.78 -0.83
CA ALA A 403 -29.01 -45.60 -1.31
C ALA A 403 -29.99 -44.78 -2.14
N VAL A 404 -30.53 -43.72 -1.56
CA VAL A 404 -31.52 -42.88 -2.21
C VAL A 404 -30.82 -41.69 -2.85
N GLU A 405 -31.11 -41.44 -4.12
CA GLU A 405 -30.46 -40.37 -4.88
C GLU A 405 -31.39 -39.94 -6.00
N LYS A 406 -31.76 -38.65 -6.02
CA LYS A 406 -32.68 -38.16 -7.03
C LYS A 406 -31.97 -37.73 -8.32
N ASN A 407 -30.65 -37.61 -8.29
CA ASN A 407 -29.89 -37.23 -9.48
C ASN A 407 -29.67 -38.47 -10.33
N PRO A 408 -30.39 -38.61 -11.45
CA PRO A 408 -30.28 -39.86 -12.23
C PRO A 408 -28.93 -40.06 -12.84
N ASN A 409 -28.14 -39.00 -12.99
CA ASN A 409 -26.78 -39.17 -13.50
C ASN A 409 -25.88 -39.81 -12.46
N ALA A 410 -26.07 -39.47 -11.18
CA ALA A 410 -25.33 -40.12 -10.11
C ALA A 410 -25.86 -41.53 -9.83
N VAL A 411 -27.15 -41.76 -10.11
CA VAL A 411 -27.70 -43.10 -9.98
C VAL A 411 -27.05 -44.06 -10.95
N VAL A 412 -26.58 -43.57 -12.10
CA VAL A 412 -25.79 -44.40 -13.00
C VAL A 412 -24.54 -44.89 -12.30
N THR A 413 -23.81 -43.98 -11.67
CA THR A 413 -22.64 -44.37 -10.87
C THR A 413 -23.03 -45.38 -9.79
N LEU A 414 -24.13 -45.13 -9.08
CA LEU A 414 -24.52 -45.98 -7.97
C LEU A 414 -24.91 -47.38 -8.43
N GLU A 415 -25.66 -47.47 -9.52
CA GLU A 415 -26.13 -48.78 -9.97
C GLU A 415 -25.00 -49.60 -10.59
N ASN A 416 -24.00 -48.94 -11.19
CA ASN A 416 -22.81 -49.67 -11.62
C ASN A 416 -22.02 -50.17 -10.41
N TRP A 417 -21.93 -49.37 -9.34
CA TRP A 417 -21.34 -49.84 -8.09
C TRP A 417 -22.12 -51.03 -7.53
N GLN A 418 -23.44 -50.92 -7.46
CA GLN A 418 -24.24 -51.98 -6.88
C GLN A 418 -24.08 -53.30 -7.63
N PHE A 419 -24.09 -53.23 -8.98
CA PHE A 419 -23.98 -54.46 -9.76
C PHE A 419 -22.59 -55.06 -9.65
N GLU A 420 -21.55 -54.23 -9.69
CA GLU A 420 -20.19 -54.75 -9.77
C GLU A 420 -19.64 -55.16 -8.41
N GLU A 421 -19.96 -54.41 -7.35
CA GLU A 421 -19.23 -54.55 -6.10
C GLU A 421 -20.13 -54.79 -4.89
N TRP A 422 -21.11 -53.90 -4.67
CA TRP A 422 -21.92 -53.97 -3.47
C TRP A 422 -22.79 -55.23 -3.44
N GLY A 423 -23.40 -55.57 -4.56
CA GLY A 423 -24.35 -56.65 -4.57
C GLY A 423 -25.67 -56.26 -3.93
N SER A 424 -26.49 -57.27 -3.66
CA SER A 424 -27.84 -57.06 -3.15
C SER A 424 -27.89 -56.51 -1.72
N GLN A 425 -26.75 -56.30 -1.07
CA GLN A 425 -26.79 -55.65 0.24
C GLN A 425 -27.27 -54.21 0.13
N VAL A 426 -26.99 -53.54 -0.98
CA VAL A 426 -27.39 -52.16 -1.22
C VAL A 426 -28.51 -52.16 -2.25
N THR A 427 -29.59 -51.45 -1.94
CA THR A 427 -30.69 -51.21 -2.87
C THR A 427 -30.63 -49.75 -3.29
N VAL A 428 -30.29 -49.50 -4.55
CA VAL A 428 -30.25 -48.14 -5.08
C VAL A 428 -31.67 -47.70 -5.41
N VAL A 429 -32.06 -46.53 -4.90
CA VAL A 429 -33.39 -45.98 -5.12
C VAL A 429 -33.24 -44.65 -5.85
N SER A 430 -33.80 -44.56 -7.06
CA SER A 430 -33.76 -43.35 -7.85
C SER A 430 -35.05 -42.56 -7.60
N SER A 431 -35.02 -41.77 -6.53
CA SER A 431 -36.23 -41.04 -6.12
C SER A 431 -35.86 -39.88 -5.22
N ASP A 432 -36.79 -38.94 -5.11
CA ASP A 432 -36.68 -37.88 -4.11
C ASP A 432 -37.06 -38.47 -2.76
N MET A 433 -36.23 -38.21 -1.75
CA MET A 433 -36.49 -38.77 -0.42
C MET A 433 -37.79 -38.27 0.16
N ARG A 434 -38.31 -37.14 -0.35
CA ARG A 434 -39.57 -36.61 0.14
C ARG A 434 -40.78 -37.29 -0.49
N GLU A 435 -40.58 -38.06 -1.56
CA GLU A 435 -41.67 -38.75 -2.24
C GLU A 435 -41.57 -40.27 -2.15
N TRP A 436 -40.39 -40.81 -1.86
CA TRP A 436 -40.17 -42.25 -1.90
C TRP A 436 -41.05 -42.98 -0.91
N VAL A 437 -41.76 -44.00 -1.38
CA VAL A 437 -42.54 -44.88 -0.51
C VAL A 437 -41.62 -46.03 -0.14
N ALA A 438 -41.03 -45.94 1.04
CA ALA A 438 -40.08 -46.96 1.46
C ALA A 438 -40.81 -48.26 1.78
N PRO A 439 -40.21 -49.42 1.45
CA PRO A 439 -40.87 -50.69 1.77
C PRO A 439 -40.78 -51.04 3.25
N GLU A 440 -39.87 -50.42 3.99
CA GLU A 440 -39.70 -50.67 5.42
C GLU A 440 -39.11 -49.41 6.05
N LYS A 441 -39.04 -49.41 7.37
CA LYS A 441 -38.54 -48.25 8.09
C LYS A 441 -37.04 -48.39 8.35
N ALA A 442 -36.41 -47.25 8.61
CA ALA A 442 -34.96 -47.18 8.77
C ALA A 442 -34.56 -47.19 10.23
N ASP A 443 -33.52 -47.96 10.54
CA ASP A 443 -32.87 -47.84 11.84
C ASP A 443 -32.07 -46.55 11.92
N ILE A 444 -31.37 -46.21 10.84
CA ILE A 444 -30.53 -45.02 10.76
C ILE A 444 -30.68 -44.42 9.37
N ILE A 445 -30.87 -43.10 9.31
CA ILE A 445 -30.76 -42.36 8.07
C ILE A 445 -29.48 -41.53 8.13
N VAL A 446 -28.70 -41.58 7.06
CA VAL A 446 -27.43 -40.88 6.94
C VAL A 446 -27.51 -39.94 5.75
N SER A 447 -27.00 -38.72 5.91
CA SER A 447 -27.10 -37.72 4.85
C SER A 447 -25.97 -36.72 4.95
N GLU A 448 -25.56 -36.18 3.80
CA GLU A 448 -24.61 -35.08 3.72
C GLU A 448 -25.23 -33.95 2.90
N LEU A 449 -26.37 -33.45 3.37
CA LEU A 449 -27.12 -32.39 2.69
C LEU A 449 -26.79 -31.01 3.19
N LEU A 450 -25.62 -30.82 3.81
CA LEU A 450 -25.27 -29.57 4.47
C LEU A 450 -24.42 -28.71 3.55
N GLY A 451 -24.77 -27.42 3.47
CA GLY A 451 -23.96 -26.45 2.78
C GLY A 451 -23.01 -25.72 3.72
N SER A 452 -22.36 -24.69 3.18
CA SER A 452 -21.45 -23.87 3.98
C SER A 452 -22.15 -23.18 5.12
N PHE A 453 -23.46 -23.00 5.02
CA PHE A 453 -24.21 -22.31 6.06
C PHE A 453 -25.22 -23.28 6.69
N ALA A 454 -24.84 -24.56 6.71
CA ALA A 454 -25.57 -25.70 7.23
C ALA A 454 -26.85 -25.98 6.45
N ASP A 455 -27.91 -25.24 6.74
CA ASP A 455 -29.23 -25.53 6.21
C ASP A 455 -29.50 -24.90 4.85
N ASN A 456 -28.48 -24.35 4.18
CA ASN A 456 -28.72 -23.60 2.96
C ASN A 456 -28.87 -24.46 1.72
N GLU A 457 -28.77 -25.79 1.84
CA GLU A 457 -29.16 -26.69 0.76
C GLU A 457 -30.52 -27.33 1.04
N LEU A 458 -31.19 -26.90 2.11
CA LEU A 458 -32.54 -27.34 2.48
C LEU A 458 -32.53 -28.74 3.09
N SER A 459 -31.41 -29.11 3.70
CA SER A 459 -31.37 -30.33 4.52
C SER A 459 -32.53 -30.46 5.50
N PRO A 460 -32.98 -29.41 6.20
CA PRO A 460 -34.16 -29.60 7.07
C PRO A 460 -35.40 -30.04 6.32
N GLU A 461 -35.69 -29.40 5.18
CA GLU A 461 -36.88 -29.77 4.42
C GLU A 461 -36.77 -31.18 3.87
N CYS A 462 -35.56 -31.59 3.48
CA CYS A 462 -35.35 -32.92 2.92
C CYS A 462 -35.54 -34.00 3.97
N LEU A 463 -34.88 -33.85 5.13
CA LEU A 463 -35.02 -34.84 6.18
C LEU A 463 -36.40 -34.82 6.82
N ASP A 464 -37.07 -33.66 6.81
CA ASP A 464 -38.43 -33.61 7.32
C ASP A 464 -39.36 -34.54 6.53
N GLY A 465 -39.24 -34.53 5.20
CA GLY A 465 -40.07 -35.38 4.36
C GLY A 465 -39.66 -36.84 4.34
N ALA A 466 -38.41 -37.14 4.67
CA ALA A 466 -37.96 -38.51 4.80
C ALA A 466 -38.21 -39.07 6.20
N GLN A 467 -38.69 -38.23 7.12
CA GLN A 467 -38.77 -38.60 8.52
C GLN A 467 -39.75 -39.74 8.77
N HIS A 468 -40.80 -39.85 7.94
CA HIS A 468 -41.88 -40.79 8.24
C HIS A 468 -41.43 -42.24 8.13
N PHE A 469 -40.44 -42.54 7.30
CA PHE A 469 -39.94 -43.91 7.23
C PHE A 469 -38.70 -44.14 8.08
N LEU A 470 -38.50 -43.30 9.11
CA LEU A 470 -37.52 -43.56 10.14
C LEU A 470 -38.25 -44.17 11.35
N LYS A 471 -37.68 -45.24 11.90
CA LYS A 471 -38.29 -45.91 13.05
C LYS A 471 -38.47 -44.93 14.21
N ASP A 472 -39.47 -45.22 15.06
CA ASP A 472 -39.80 -44.33 16.17
C ASP A 472 -38.61 -44.10 17.08
N ASP A 473 -37.69 -45.06 17.15
CA ASP A 473 -36.44 -44.91 17.88
C ASP A 473 -35.24 -44.75 16.94
N GLY A 474 -35.49 -44.35 15.69
CA GLY A 474 -34.42 -44.26 14.72
C GLY A 474 -33.53 -43.05 14.94
N VAL A 475 -32.29 -43.18 14.46
CA VAL A 475 -31.27 -42.14 14.58
C VAL A 475 -31.07 -41.49 13.23
N SER A 476 -30.89 -40.18 13.22
CA SER A 476 -30.50 -39.43 12.03
C SER A 476 -29.06 -38.97 12.17
N ILE A 477 -28.25 -39.27 11.18
CA ILE A 477 -26.86 -38.79 11.12
C ILE A 477 -26.74 -37.88 9.91
N PRO A 478 -26.50 -36.57 10.10
CA PRO A 478 -26.28 -35.89 11.38
C PRO A 478 -27.55 -35.74 12.21
N GLY A 479 -27.40 -35.65 13.52
CA GLY A 479 -28.54 -35.44 14.39
C GLY A 479 -28.87 -33.98 14.57
N GLU A 480 -27.89 -33.11 14.38
CA GLU A 480 -28.07 -31.69 14.65
C GLU A 480 -27.01 -30.90 13.88
N TYR A 481 -27.35 -29.66 13.55
CA TYR A 481 -26.40 -28.73 12.97
C TYR A 481 -26.81 -27.29 13.24
N THR A 482 -25.80 -26.42 13.28
CA THR A 482 -25.94 -25.04 13.73
C THR A 482 -25.08 -24.14 12.86
N SER A 483 -25.66 -23.08 12.33
CA SER A 483 -24.90 -22.11 11.54
C SER A 483 -24.37 -20.99 12.43
N PHE A 484 -23.25 -20.40 12.01
CA PHE A 484 -22.60 -19.32 12.74
C PHE A 484 -22.34 -18.15 11.81
N LEU A 485 -22.49 -16.94 12.34
CA LEU A 485 -22.20 -15.72 11.60
C LEU A 485 -21.16 -14.89 12.33
N ALA A 486 -20.37 -14.13 11.57
CA ALA A 486 -19.42 -13.21 12.16
C ALA A 486 -19.25 -12.00 11.24
N PRO A 487 -19.29 -10.78 11.78
CA PRO A 487 -19.08 -9.60 10.94
C PRO A 487 -17.64 -9.52 10.48
N ILE A 488 -17.45 -9.12 9.24
CA ILE A 488 -16.11 -9.06 8.67
C ILE A 488 -15.91 -7.72 7.99
N SER A 489 -14.65 -7.28 7.97
CA SER A 489 -14.22 -6.14 7.18
C SER A 489 -13.36 -6.64 6.04
N SER A 490 -13.69 -6.24 4.82
CA SER A 490 -12.87 -6.59 3.68
C SER A 490 -13.24 -5.74 2.48
N SER A 491 -12.51 -4.65 2.30
CA SER A 491 -12.77 -3.79 1.14
C SER A 491 -12.55 -4.55 -0.16
N LYS A 492 -11.60 -5.48 -0.17
CA LYS A 492 -11.39 -6.29 -1.37
C LYS A 492 -12.65 -7.08 -1.71
N LEU A 493 -13.18 -7.83 -0.73
CA LEU A 493 -14.34 -8.67 -0.98
C LEU A 493 -15.57 -7.85 -1.34
N TYR A 494 -15.77 -6.72 -0.66
CA TYR A 494 -16.86 -5.82 -1.03
C TYR A 494 -16.71 -5.38 -2.47
N ASN A 495 -15.47 -5.13 -2.90
CA ASN A 495 -15.24 -4.71 -4.27
C ASN A 495 -15.48 -5.82 -5.28
N GLU A 496 -15.35 -7.09 -4.89
CA GLU A 496 -15.59 -8.17 -5.84
C GLU A 496 -17.06 -8.52 -5.99
N VAL A 497 -17.83 -8.49 -4.90
CA VAL A 497 -19.28 -8.60 -5.02
C VAL A 497 -19.80 -7.55 -5.96
N ARG A 498 -19.31 -6.33 -5.79
CA ARG A 498 -19.78 -5.17 -6.53
C ARG A 498 -19.61 -5.37 -8.01
N ALA A 499 -18.50 -5.96 -8.35
CA ALA A 499 -18.15 -6.27 -9.72
C ALA A 499 -19.00 -7.38 -10.30
N CYS A 500 -19.89 -8.00 -9.52
CA CYS A 500 -20.74 -9.07 -10.01
C CYS A 500 -22.07 -8.57 -10.55
N ARG A 501 -22.17 -7.28 -10.86
CA ARG A 501 -23.37 -6.77 -11.50
C ARG A 501 -23.54 -7.40 -12.88
N GLU A 502 -24.77 -7.82 -13.18
CA GLU A 502 -25.05 -8.51 -14.44
C GLU A 502 -26.05 -7.71 -15.26
N LYS A 503 -26.02 -7.97 -16.57
CA LYS A 503 -27.05 -7.46 -17.46
C LYS A 503 -28.41 -8.04 -17.07
N ASP A 504 -29.46 -7.24 -17.31
CA ASP A 504 -30.83 -7.74 -17.35
C ASP A 504 -31.34 -8.18 -15.98
N ARG A 505 -30.86 -7.55 -14.92
CA ARG A 505 -31.32 -7.85 -13.57
C ARG A 505 -31.10 -6.63 -12.70
N ASP A 506 -31.69 -6.66 -11.51
CA ASP A 506 -31.50 -5.62 -10.52
C ASP A 506 -30.02 -5.26 -10.41
N PRO A 507 -29.65 -3.99 -10.55
CA PRO A 507 -28.22 -3.62 -10.52
C PRO A 507 -27.59 -3.76 -9.15
N GLU A 508 -28.36 -4.01 -8.10
CA GLU A 508 -27.81 -4.28 -6.77
C GLU A 508 -28.08 -5.71 -6.31
N ALA A 509 -28.55 -6.57 -7.20
CA ALA A 509 -28.91 -7.94 -6.81
C ALA A 509 -27.71 -8.72 -6.28
N GLN A 510 -26.51 -8.42 -6.79
CA GLN A 510 -25.32 -9.16 -6.37
C GLN A 510 -25.03 -9.00 -4.88
N PHE A 511 -25.51 -7.93 -4.25
CA PHE A 511 -25.34 -7.75 -2.82
C PHE A 511 -26.38 -8.51 -2.00
N GLU A 512 -27.42 -9.04 -2.64
CA GLU A 512 -28.53 -9.67 -1.94
C GLU A 512 -28.51 -11.19 -2.12
N MET A 513 -27.32 -11.77 -2.18
CA MET A 513 -27.17 -13.21 -2.31
C MET A 513 -25.87 -13.61 -1.64
N PRO A 514 -25.81 -14.80 -1.04
CA PRO A 514 -24.56 -15.27 -0.44
C PRO A 514 -23.66 -15.93 -1.47
N TYR A 515 -22.37 -15.95 -1.14
CA TYR A 515 -21.35 -16.57 -2.00
C TYR A 515 -20.53 -17.55 -1.18
N VAL A 516 -20.24 -18.70 -1.78
CA VAL A 516 -19.27 -19.64 -1.21
C VAL A 516 -17.88 -19.15 -1.61
N VAL A 517 -17.03 -18.89 -0.62
CA VAL A 517 -15.75 -18.25 -0.88
C VAL A 517 -14.77 -18.62 0.21
N ARG A 518 -13.54 -18.95 -0.19
CA ARG A 518 -12.44 -19.14 0.76
C ARG A 518 -11.96 -17.75 1.18
N LEU A 519 -12.53 -17.26 2.27
CA LEU A 519 -12.19 -15.95 2.80
C LEU A 519 -10.71 -15.88 3.13
N HIS A 520 -10.03 -14.89 2.55
CA HIS A 520 -8.59 -14.75 2.75
C HIS A 520 -8.21 -13.34 3.21
N ASN A 521 -8.34 -12.35 2.32
CA ASN A 521 -7.98 -10.96 2.61
C ASN A 521 -9.16 -10.29 3.29
N PHE A 522 -9.27 -10.48 4.60
CA PHE A 522 -10.39 -9.92 5.34
C PHE A 522 -10.01 -9.81 6.81
N HIS A 523 -10.84 -9.09 7.56
CA HIS A 523 -10.69 -8.91 8.99
C HIS A 523 -11.98 -9.33 9.67
N GLN A 524 -11.92 -10.34 10.54
CA GLN A 524 -13.05 -10.72 11.36
C GLN A 524 -13.20 -9.71 12.51
N LEU A 525 -14.37 -9.09 12.61
CA LEU A 525 -14.57 -7.99 13.55
C LEU A 525 -15.10 -8.43 14.89
N SER A 526 -15.66 -9.64 14.99
CA SER A 526 -16.14 -10.15 16.27
C SER A 526 -16.21 -11.66 16.16
N ALA A 527 -16.28 -12.31 17.33
CA ALA A 527 -16.26 -13.77 17.35
C ALA A 527 -17.55 -14.33 16.72
N PRO A 528 -17.47 -15.45 16.01
CA PRO A 528 -18.67 -16.04 15.43
C PRO A 528 -19.69 -16.38 16.51
N GLN A 529 -20.96 -16.16 16.20
CA GLN A 529 -22.05 -16.50 17.10
C GLN A 529 -23.05 -17.38 16.39
N PRO A 530 -23.68 -18.31 17.11
CA PRO A 530 -24.64 -19.21 16.47
C PRO A 530 -25.81 -18.44 15.88
N CYS A 531 -26.35 -18.97 14.78
CA CYS A 531 -27.46 -18.32 14.10
C CYS A 531 -28.70 -19.21 14.11
N PHE A 532 -28.75 -20.19 13.22
CA PHE A 532 -29.87 -21.10 13.10
C PHE A 532 -29.44 -22.51 13.45
N THR A 533 -30.34 -23.26 14.10
CA THR A 533 -30.08 -24.63 14.51
C THR A 533 -31.26 -25.52 14.12
N PHE A 534 -30.95 -26.74 13.69
CA PHE A 534 -31.96 -27.74 13.37
C PHE A 534 -31.53 -29.09 13.95
N SER A 535 -32.51 -29.89 14.36
CA SER A 535 -32.27 -31.25 14.86
C SER A 535 -33.19 -32.23 14.16
N HIS A 536 -32.71 -33.47 14.05
CA HIS A 536 -33.39 -34.53 13.33
C HIS A 536 -33.26 -35.85 14.09
N PRO A 537 -34.36 -36.62 14.23
CA PRO A 537 -35.69 -36.30 13.72
C PRO A 537 -36.34 -35.15 14.47
N ASN A 538 -37.31 -34.48 13.84
CA ASN A 538 -38.00 -33.34 14.44
C ASN A 538 -39.27 -33.86 15.09
N ARG A 539 -39.21 -34.10 16.40
CA ARG A 539 -40.35 -34.61 17.16
C ARG A 539 -41.45 -33.57 17.32
N ASP A 540 -41.20 -32.32 16.99
CA ASP A 540 -42.23 -31.31 17.19
C ASP A 540 -43.46 -31.58 16.34
N PRO A 541 -44.64 -31.45 16.95
CA PRO A 541 -45.94 -31.68 16.30
C PRO A 541 -46.17 -30.72 15.17
N MET A 542 -45.80 -29.46 15.39
CA MET A 542 -45.94 -28.48 14.35
C MET A 542 -44.51 -28.17 13.97
N ILE A 543 -44.17 -28.42 12.73
CA ILE A 543 -42.81 -28.20 12.31
C ILE A 543 -42.74 -26.92 11.53
N ASP A 544 -41.87 -26.02 11.96
CA ASP A 544 -41.67 -24.75 11.27
C ASP A 544 -40.17 -24.54 11.12
N ASN A 545 -39.69 -24.52 9.88
CA ASN A 545 -38.27 -24.31 9.61
C ASN A 545 -37.92 -22.85 9.36
N ASN A 546 -38.91 -21.96 9.25
CA ASN A 546 -38.64 -20.53 9.27
C ASN A 546 -37.93 -20.13 10.57
N ARG A 547 -37.11 -19.09 10.47
CA ARG A 547 -36.29 -18.66 11.59
C ARG A 547 -36.14 -17.16 11.58
N TYR A 548 -35.91 -16.58 12.76
CA TYR A 548 -35.61 -15.16 12.92
C TYR A 548 -34.65 -15.03 14.08
N CYS A 549 -33.50 -14.41 13.83
CA CYS A 549 -32.40 -14.38 14.79
C CYS A 549 -31.81 -12.98 14.86
N THR A 550 -31.53 -12.52 16.09
CA THR A 550 -30.92 -11.22 16.32
C THR A 550 -29.57 -11.42 17.01
N LEU A 551 -28.51 -10.90 16.40
CA LEU A 551 -27.16 -11.07 16.91
C LEU A 551 -26.51 -9.72 17.17
N GLU A 552 -25.84 -9.61 18.32
CA GLU A 552 -25.14 -8.40 18.73
C GLU A 552 -23.65 -8.71 18.83
N PHE A 553 -22.86 -8.07 17.99
CA PHE A 553 -21.43 -8.34 17.89
C PHE A 553 -20.63 -7.20 18.48
N PRO A 554 -20.01 -7.36 19.65
CA PRO A 554 -19.13 -6.32 20.18
C PRO A 554 -17.91 -6.15 19.29
N VAL A 555 -17.68 -4.92 18.85
CA VAL A 555 -16.54 -4.58 18.00
C VAL A 555 -15.63 -3.65 18.79
N GLU A 556 -14.46 -4.14 19.19
CA GLU A 556 -13.49 -3.37 19.96
C GLU A 556 -12.43 -2.73 19.07
N VAL A 557 -12.75 -2.46 17.81
CA VAL A 557 -11.83 -1.79 16.89
C VAL A 557 -12.62 -0.82 16.03
N ASN A 558 -11.92 0.16 15.48
CA ASN A 558 -12.49 0.99 14.43
C ASN A 558 -12.33 0.23 13.12
N THR A 559 -13.34 0.31 12.25
CA THR A 559 -13.36 -0.54 11.05
C THR A 559 -14.51 -0.12 10.15
N VAL A 560 -14.69 -0.89 9.08
CA VAL A 560 -15.77 -0.72 8.11
C VAL A 560 -16.37 -2.11 7.84
N LEU A 561 -17.68 -2.23 8.06
CA LEU A 561 -18.37 -3.50 7.89
C LEU A 561 -18.81 -3.68 6.44
N HIS A 562 -18.40 -4.80 5.83
CA HIS A 562 -18.75 -5.09 4.44
C HIS A 562 -19.60 -6.33 4.26
N GLY A 563 -19.83 -7.12 5.31
CA GLY A 563 -20.61 -8.33 5.18
C GLY A 563 -20.40 -9.24 6.37
N PHE A 564 -20.95 -10.45 6.26
CA PHE A 564 -20.89 -11.42 7.33
C PHE A 564 -20.41 -12.75 6.81
N ALA A 565 -19.38 -13.30 7.47
CA ALA A 565 -18.92 -14.65 7.18
C ALA A 565 -19.83 -15.67 7.84
N GLY A 566 -20.15 -16.73 7.12
CA GLY A 566 -20.99 -17.79 7.62
C GLY A 566 -20.23 -19.10 7.71
N TYR A 567 -20.44 -19.81 8.80
CA TYR A 567 -19.85 -21.11 9.06
C TYR A 567 -20.94 -22.04 9.60
N PHE A 568 -20.56 -23.28 9.90
CA PHE A 568 -21.50 -24.18 10.53
C PHE A 568 -20.76 -25.19 11.39
N GLU A 569 -21.52 -25.81 12.29
CA GLU A 569 -21.11 -26.99 13.04
C GLU A 569 -22.22 -28.01 12.95
N THR A 570 -21.85 -29.29 12.89
CA THR A 570 -22.85 -30.35 12.88
C THR A 570 -22.42 -31.48 13.80
N VAL A 571 -23.39 -32.03 14.51
CA VAL A 571 -23.20 -33.23 15.31
C VAL A 571 -23.65 -34.42 14.47
N LEU A 572 -22.68 -35.19 13.98
CA LEU A 572 -23.02 -36.44 13.29
C LEU A 572 -23.64 -37.44 14.26
N TYR A 573 -22.94 -37.71 15.36
CA TYR A 573 -23.44 -38.63 16.38
C TYR A 573 -22.68 -38.40 17.68
N GLN A 574 -23.42 -38.06 18.74
CA GLN A 574 -22.87 -37.89 20.08
C GLN A 574 -21.74 -36.88 20.10
N ASP A 575 -20.49 -37.35 20.18
CA ASP A 575 -19.33 -36.46 20.21
C ASP A 575 -18.61 -36.39 18.87
N ILE A 576 -19.09 -37.10 17.85
CA ILE A 576 -18.49 -37.02 16.52
C ILE A 576 -19.08 -35.82 15.79
N THR A 577 -18.22 -34.88 15.40
CA THR A 577 -18.69 -33.63 14.83
C THR A 577 -17.91 -33.26 13.58
N LEU A 578 -18.47 -32.33 12.83
CA LEU A 578 -17.81 -31.64 11.74
C LEU A 578 -18.02 -30.14 11.94
N SER A 579 -17.00 -29.36 11.60
CA SER A 579 -17.09 -27.93 11.83
C SER A 579 -16.16 -27.20 10.87
N ILE A 580 -16.63 -26.07 10.34
CA ILE A 580 -15.79 -25.11 9.65
C ILE A 580 -15.71 -23.80 10.40
N ARG A 581 -16.44 -23.66 11.50
CA ARG A 581 -16.28 -22.56 12.42
C ARG A 581 -14.82 -22.46 12.86
N PRO A 582 -14.16 -21.32 12.66
CA PRO A 582 -12.70 -21.25 12.84
C PRO A 582 -12.19 -21.76 14.19
N GLU A 583 -12.84 -21.42 15.30
CA GLU A 583 -12.30 -21.82 16.59
C GLU A 583 -12.60 -23.27 16.96
N THR A 584 -13.39 -24.00 16.17
CA THR A 584 -13.59 -25.42 16.36
C THR A 584 -13.43 -26.19 15.04
N HIS A 585 -12.65 -25.64 14.11
CA HIS A 585 -12.54 -26.21 12.78
C HIS A 585 -12.03 -27.65 12.84
N SER A 586 -12.73 -28.55 12.14
CA SER A 586 -12.28 -29.92 12.00
C SER A 586 -10.90 -29.93 11.36
N PRO A 587 -9.87 -30.42 12.05
CA PRO A 587 -8.51 -30.31 11.51
C PRO A 587 -8.32 -31.14 10.24
N GLY A 588 -7.81 -30.50 9.20
CA GLY A 588 -7.49 -31.18 7.97
C GLY A 588 -8.64 -31.30 6.98
N MET A 589 -9.88 -31.06 7.39
CA MET A 589 -11.01 -31.17 6.48
C MET A 589 -11.18 -29.90 5.68
N PHE A 590 -11.23 -30.04 4.36
CA PHE A 590 -11.31 -28.92 3.44
C PHE A 590 -12.55 -28.97 2.55
N SER A 591 -13.58 -29.73 2.95
CA SER A 591 -14.74 -29.94 2.08
C SER A 591 -15.52 -28.66 1.85
N TRP A 592 -15.65 -27.82 2.87
CA TRP A 592 -16.47 -26.63 2.82
C TRP A 592 -15.61 -25.38 2.95
N PHE A 593 -15.81 -24.44 2.04
CA PHE A 593 -15.41 -23.06 2.25
C PHE A 593 -16.49 -22.34 3.05
N PRO A 594 -16.16 -21.23 3.70
CA PRO A 594 -17.19 -20.42 4.34
C PRO A 594 -18.10 -19.74 3.32
N ILE A 595 -19.19 -19.20 3.82
CA ILE A 595 -20.12 -18.43 3.01
C ILE A 595 -20.03 -16.97 3.40
N LEU A 596 -20.39 -16.09 2.47
CA LEU A 596 -20.32 -14.65 2.70
C LEU A 596 -21.67 -14.02 2.38
N PHE A 597 -22.25 -13.35 3.37
CA PHE A 597 -23.44 -12.54 3.14
C PHE A 597 -23.02 -11.08 3.06
N PRO A 598 -23.10 -10.44 1.89
CA PRO A 598 -22.68 -9.05 1.78
C PRO A 598 -23.80 -8.08 2.20
N ILE A 599 -23.41 -6.81 2.32
CA ILE A 599 -24.38 -5.73 2.46
C ILE A 599 -24.10 -4.68 1.39
N LYS A 600 -25.17 -4.01 0.95
CA LYS A 600 -25.07 -3.09 -0.19
C LYS A 600 -24.10 -1.95 0.08
N GLN A 601 -24.16 -1.38 1.28
CA GLN A 601 -23.40 -0.20 1.61
C GLN A 601 -22.49 -0.48 2.79
N PRO A 602 -21.20 -0.18 2.69
CA PRO A 602 -20.32 -0.31 3.85
C PRO A 602 -20.83 0.54 5.01
N ILE A 603 -20.57 0.06 6.23
CA ILE A 603 -21.05 0.71 7.44
C ILE A 603 -19.87 0.97 8.36
N THR A 604 -19.67 2.22 8.73
CA THR A 604 -18.58 2.57 9.65
C THR A 604 -18.92 2.10 11.06
N VAL A 605 -17.94 1.47 11.72
CA VAL A 605 -18.08 1.01 13.09
C VAL A 605 -16.89 1.54 13.88
N ARG A 606 -17.15 2.08 15.06
CA ARG A 606 -16.13 2.64 15.95
C ARG A 606 -15.84 1.68 17.10
N GLU A 607 -14.67 1.84 17.70
CA GLU A 607 -14.30 1.00 18.83
C GLU A 607 -15.35 1.09 19.93
N GLY A 608 -15.68 -0.04 20.54
CA GLY A 608 -16.67 -0.12 21.59
C GLY A 608 -18.10 -0.23 21.11
N GLN A 609 -18.37 -0.01 19.83
CA GLN A 609 -19.73 -0.12 19.30
C GLN A 609 -20.09 -1.58 19.04
N THR A 610 -21.38 -1.86 19.07
CA THR A 610 -21.91 -3.19 18.81
C THR A 610 -22.57 -3.22 17.44
N ILE A 611 -22.14 -4.15 16.60
CA ILE A 611 -22.86 -4.44 15.36
C ILE A 611 -24.05 -5.33 15.69
N CYS A 612 -25.24 -4.93 15.29
CA CYS A 612 -26.43 -5.75 15.43
C CYS A 612 -26.91 -6.15 14.04
N VAL A 613 -26.97 -7.46 13.79
CA VAL A 613 -27.49 -7.98 12.53
C VAL A 613 -28.66 -8.89 12.84
N ARG A 614 -29.58 -8.96 11.91
CA ARG A 614 -30.78 -9.75 12.05
C ARG A 614 -30.95 -10.58 10.80
N PHE A 615 -31.10 -11.89 10.98
CA PHE A 615 -31.25 -12.83 9.88
C PHE A 615 -32.59 -13.54 10.00
N TRP A 616 -33.27 -13.70 8.87
CA TRP A 616 -34.49 -14.48 8.77
C TRP A 616 -34.27 -15.63 7.81
N ARG A 617 -34.76 -16.80 8.17
CA ARG A 617 -34.93 -17.90 7.23
C ARG A 617 -36.39 -17.96 6.84
N CYS A 618 -36.68 -17.75 5.56
CA CYS A 618 -38.03 -17.61 5.05
C CYS A 618 -38.30 -18.67 3.99
N SER A 619 -39.58 -18.88 3.71
CA SER A 619 -39.95 -19.97 2.82
C SER A 619 -41.39 -19.81 2.35
N ASN A 620 -41.68 -20.40 1.21
CA ASN A 620 -43.03 -20.75 0.83
C ASN A 620 -42.97 -22.21 0.38
N SER A 621 -44.00 -22.67 -0.33
CA SER A 621 -44.03 -24.07 -0.75
C SER A 621 -43.09 -24.37 -1.91
N LYS A 622 -42.49 -23.35 -2.53
CA LYS A 622 -41.59 -23.55 -3.66
C LYS A 622 -40.15 -23.13 -3.42
N LYS A 623 -39.91 -22.17 -2.51
CA LYS A 623 -38.59 -21.57 -2.34
C LYS A 623 -38.30 -21.39 -0.85
N VAL A 624 -37.01 -21.41 -0.53
CA VAL A 624 -36.50 -21.01 0.78
C VAL A 624 -35.44 -19.94 0.52
N TRP A 625 -35.35 -18.95 1.42
CA TRP A 625 -34.37 -17.90 1.23
C TRP A 625 -34.04 -17.26 2.58
N TYR A 626 -32.99 -16.44 2.57
CA TYR A 626 -32.58 -15.66 3.71
C TYR A 626 -32.83 -14.19 3.43
N GLU A 627 -33.26 -13.47 4.46
CA GLU A 627 -33.26 -12.02 4.46
C GLU A 627 -32.41 -11.56 5.64
N TRP A 628 -31.79 -10.39 5.51
CA TRP A 628 -30.92 -9.92 6.56
C TRP A 628 -30.86 -8.40 6.53
N ALA A 629 -30.49 -7.84 7.68
CA ALA A 629 -30.42 -6.39 7.84
C ALA A 629 -29.54 -6.08 9.03
N VAL A 630 -28.72 -5.04 8.90
CA VAL A 630 -27.99 -4.46 10.02
C VAL A 630 -28.89 -3.43 10.67
N THR A 631 -28.95 -3.43 12.01
CA THR A 631 -29.75 -2.47 12.73
C THR A 631 -28.96 -1.62 13.72
N ALA A 632 -27.67 -1.89 13.91
CA ALA A 632 -26.80 -1.07 14.76
C ALA A 632 -25.37 -1.26 14.28
N PRO A 633 -24.52 -0.21 14.33
CA PRO A 633 -24.78 1.14 14.87
C PRO A 633 -25.71 1.98 14.00
N VAL A 634 -25.89 1.60 12.73
CA VAL A 634 -26.88 2.21 11.86
C VAL A 634 -27.66 1.09 11.18
N CYS A 635 -28.81 1.44 10.62
CA CYS A 635 -29.58 0.47 9.85
C CYS A 635 -29.12 0.42 8.41
N SER A 636 -29.09 -0.78 7.87
CA SER A 636 -29.02 -1.02 6.44
C SER A 636 -30.42 -1.28 5.91
N ALA A 637 -30.52 -1.34 4.59
CA ALA A 637 -31.73 -1.86 3.97
C ALA A 637 -31.88 -3.34 4.30
N ILE A 638 -33.12 -3.81 4.32
CA ILE A 638 -33.37 -5.24 4.40
C ILE A 638 -32.95 -5.88 3.09
N HIS A 639 -32.09 -6.89 3.16
CA HIS A 639 -31.53 -7.50 1.97
C HIS A 639 -32.32 -8.74 1.59
N ASN A 640 -32.51 -8.91 0.27
CA ASN A 640 -33.22 -10.00 -0.35
C ASN A 640 -34.67 -10.14 0.15
N PRO A 641 -35.46 -9.07 0.23
CA PRO A 641 -36.85 -9.26 0.67
C PRO A 641 -37.65 -10.07 -0.34
N THR A 642 -38.46 -10.99 0.18
CA THR A 642 -39.22 -11.98 -0.59
C THR A 642 -38.34 -12.83 -1.50
N GLY A 643 -37.05 -12.95 -1.19
CA GLY A 643 -36.16 -13.67 -2.09
C GLY A 643 -36.09 -13.09 -3.48
N ARG A 644 -36.23 -11.76 -3.59
CA ARG A 644 -36.27 -11.14 -4.92
C ARG A 644 -34.96 -11.29 -5.69
N SER A 645 -33.83 -11.46 -5.00
CA SER A 645 -32.56 -11.65 -5.67
C SER A 645 -31.98 -13.04 -5.52
N TYR A 646 -32.41 -13.80 -4.51
CA TYR A 646 -31.81 -15.10 -4.24
C TYR A 646 -32.84 -16.01 -3.57
N THR A 647 -33.06 -17.18 -4.16
CA THR A 647 -33.89 -18.22 -3.54
C THR A 647 -33.21 -19.57 -3.72
N ILE A 648 -33.62 -20.51 -2.86
CA ILE A 648 -33.14 -21.88 -2.88
C ILE A 648 -34.33 -22.77 -3.22
N GLY A 649 -34.24 -23.46 -4.36
CA GLY A 649 -35.41 -24.16 -4.89
C GLY A 649 -35.70 -25.42 -4.11
N LEU A 650 -36.98 -25.60 -3.76
CA LEU A 650 -37.46 -26.83 -3.15
C LEU A 650 -37.78 -27.88 -4.22
N PRO B 22 39.49 21.71 -22.83
CA PRO B 22 40.21 21.26 -21.63
C PRO B 22 40.14 19.74 -21.49
N PRO B 23 41.17 19.14 -20.90
CA PRO B 23 41.17 17.68 -20.71
C PRO B 23 40.26 17.27 -19.57
N ASN B 24 39.78 16.02 -19.66
CA ASN B 24 38.93 15.42 -18.63
C ASN B 24 37.64 16.23 -18.41
N ALA B 25 37.25 17.02 -19.40
CA ALA B 25 36.06 17.83 -19.32
C ALA B 25 35.10 17.45 -20.44
N PRO B 26 33.80 17.27 -20.15
CA PRO B 26 32.86 16.85 -21.20
C PRO B 26 32.75 17.88 -22.30
N ALA B 27 32.40 17.40 -23.51
CA ALA B 27 32.32 18.28 -24.66
C ALA B 27 31.22 19.33 -24.50
N CYS B 28 30.15 19.02 -23.77
CA CYS B 28 29.10 20.00 -23.55
C CYS B 28 28.47 19.76 -22.19
N MET B 29 28.27 20.83 -21.43
CA MET B 29 27.53 20.71 -20.18
C MET B 29 26.04 20.58 -20.46
N GLU B 30 25.34 20.02 -19.48
CA GLU B 30 23.91 19.79 -19.57
C GLU B 30 23.16 21.13 -19.52
N ARG B 31 21.93 21.11 -20.03
CA ARG B 31 21.23 22.37 -20.29
C ARG B 31 20.79 23.07 -19.00
N GLN B 32 20.31 22.31 -18.02
CA GLN B 32 19.68 22.89 -16.83
C GLN B 32 20.76 23.34 -15.85
N LEU B 33 21.10 24.63 -15.91
CA LEU B 33 22.08 25.21 -14.99
C LEU B 33 21.47 25.40 -13.61
N GLU B 34 22.10 24.80 -12.60
CA GLU B 34 21.54 24.78 -11.24
C GLU B 34 22.20 25.73 -10.26
N ALA B 35 23.48 26.04 -10.42
CA ALA B 35 24.18 26.80 -9.39
C ALA B 35 25.30 27.64 -10.01
N ALA B 36 25.56 28.79 -9.39
CA ALA B 36 26.65 29.68 -9.79
C ALA B 36 27.20 30.35 -8.54
N ARG B 37 28.48 30.12 -8.23
CA ARG B 37 29.11 30.66 -7.04
C ARG B 37 30.44 31.28 -7.41
N TYR B 38 30.61 32.57 -7.13
CA TYR B 38 31.89 33.22 -7.31
C TYR B 38 32.85 32.88 -6.16
N ARG B 39 34.10 32.63 -6.51
CA ARG B 39 35.16 32.45 -5.53
C ARG B 39 35.70 33.82 -5.12
N SER B 40 36.59 33.83 -4.11
CA SER B 40 37.13 35.10 -3.62
C SER B 40 37.93 35.81 -4.71
N ASP B 41 38.68 35.06 -5.52
CA ASP B 41 39.50 35.65 -6.57
C ASP B 41 38.70 36.07 -7.79
N GLY B 42 37.44 35.66 -7.90
CA GLY B 42 36.59 36.04 -9.02
C GLY B 42 36.28 34.93 -10.00
N ALA B 43 36.84 33.74 -9.81
CA ALA B 43 36.52 32.59 -10.66
C ALA B 43 35.11 32.09 -10.35
N LEU B 44 34.44 31.59 -11.39
CA LEU B 44 33.03 31.22 -11.31
C LEU B 44 32.90 29.71 -11.31
N LEU B 45 32.28 29.18 -10.26
CA LEU B 45 31.91 27.77 -10.18
C LEU B 45 30.51 27.59 -10.75
N LEU B 46 30.34 26.53 -11.55
CA LEU B 46 29.07 26.24 -12.19
C LEU B 46 28.63 24.82 -11.89
N GLY B 47 27.34 24.65 -11.65
CA GLY B 47 26.75 23.33 -11.51
C GLY B 47 25.57 23.20 -12.44
N ALA B 48 25.47 22.05 -13.09
CA ALA B 48 24.42 21.84 -14.08
C ALA B 48 24.00 20.38 -14.07
N SER B 49 22.79 20.13 -14.55
CA SER B 49 22.25 18.79 -14.62
C SER B 49 21.38 18.66 -15.86
N SER B 50 21.31 17.46 -16.41
CA SER B 50 20.37 17.17 -17.47
C SER B 50 19.10 16.63 -16.82
N LEU B 51 18.02 17.39 -16.92
CA LEU B 51 16.75 17.01 -16.34
C LEU B 51 15.81 16.37 -17.36
N SER B 52 16.29 16.12 -18.58
CA SER B 52 15.52 15.41 -19.60
C SER B 52 16.50 14.70 -20.54
N GLY B 53 15.96 14.08 -21.58
CA GLY B 53 16.78 13.33 -22.51
C GLY B 53 17.21 11.99 -21.93
N ARG B 54 18.04 11.28 -22.73
CA ARG B 54 18.40 9.91 -22.38
C ARG B 54 19.14 9.83 -21.05
N CYS B 55 20.10 10.72 -20.82
CA CYS B 55 20.97 10.67 -19.65
C CYS B 55 20.60 11.77 -18.66
N TRP B 56 20.38 11.38 -17.41
CA TRP B 56 20.10 12.32 -16.32
C TRP B 56 21.31 12.31 -15.39
N ALA B 57 22.27 13.18 -15.67
CA ALA B 57 23.46 13.29 -14.83
C ALA B 57 23.72 14.77 -14.57
N GLY B 58 24.95 15.08 -14.15
CA GLY B 58 25.33 16.44 -13.86
C GLY B 58 26.79 16.71 -14.16
N SER B 59 27.26 17.91 -13.86
CA SER B 59 28.66 18.25 -14.12
C SER B 59 29.04 19.46 -13.28
N LEU B 60 30.35 19.62 -13.09
CA LEU B 60 30.93 20.72 -12.32
C LEU B 60 31.99 21.41 -13.15
N TRP B 61 32.00 22.74 -13.09
CA TRP B 61 32.85 23.53 -13.97
C TRP B 61 33.46 24.70 -13.22
N LEU B 62 34.65 25.12 -13.66
CA LEU B 62 35.34 26.29 -13.14
C LEU B 62 35.63 27.25 -14.29
N PHE B 63 35.26 28.51 -14.12
CA PHE B 63 35.46 29.54 -15.14
C PHE B 63 36.22 30.70 -14.51
N LYS B 64 37.56 30.64 -14.59
CA LYS B 64 38.36 31.78 -14.19
C LYS B 64 38.05 33.00 -15.05
N ASP B 65 37.51 32.78 -16.26
CA ASP B 65 36.95 33.83 -17.10
C ASP B 65 35.42 33.71 -17.04
N PRO B 66 34.74 34.50 -16.21
CA PRO B 66 33.28 34.34 -16.09
C PRO B 66 32.52 34.76 -17.33
N CYS B 67 33.04 35.71 -18.12
CA CYS B 67 32.34 36.17 -19.30
C CYS B 67 32.36 35.15 -20.44
N ALA B 68 33.12 34.06 -20.30
CA ALA B 68 33.16 33.00 -21.29
C ALA B 68 32.16 31.88 -21.00
N ALA B 69 31.48 31.92 -19.85
CA ALA B 69 30.50 30.91 -19.49
C ALA B 69 29.20 31.12 -20.27
N PRO B 70 28.48 30.03 -20.58
CA PRO B 70 28.79 28.66 -20.19
C PRO B 70 29.51 27.87 -21.27
N ASN B 71 30.25 28.54 -22.15
CA ASN B 71 30.89 27.85 -23.25
C ASN B 71 31.96 26.93 -22.67
N GLU B 72 31.83 25.64 -22.96
CA GLU B 72 32.71 24.60 -22.47
C GLU B 72 34.18 24.70 -22.88
N GLY B 73 34.43 25.15 -24.10
CA GLY B 73 35.78 25.29 -24.60
C GLY B 73 36.65 26.25 -23.81
N PHE B 74 36.04 27.32 -23.33
CA PHE B 74 36.71 28.35 -22.57
C PHE B 74 36.78 28.15 -21.07
N CYS B 75 36.29 27.03 -20.56
CA CYS B 75 36.33 26.78 -19.14
C CYS B 75 37.74 26.49 -18.62
N SER B 76 37.95 26.74 -17.33
CA SER B 76 39.23 26.45 -16.72
C SER B 76 39.34 24.97 -16.35
N ALA B 77 38.25 24.38 -15.87
CA ALA B 77 38.23 22.97 -15.50
C ALA B 77 36.81 22.45 -15.64
N GLY B 78 36.69 21.15 -15.82
CA GLY B 78 35.39 20.52 -15.96
C GLY B 78 35.40 19.05 -15.58
N VAL B 79 34.33 18.58 -14.94
CA VAL B 79 34.13 17.16 -14.71
C VAL B 79 32.63 16.92 -14.68
N GLN B 80 32.22 15.71 -15.06
CA GLN B 80 30.82 15.35 -14.99
C GLN B 80 30.61 14.34 -13.86
N THR B 81 29.44 14.44 -13.23
CA THR B 81 29.13 13.66 -12.04
C THR B 81 28.23 12.47 -12.37
N GLU B 82 28.11 11.58 -11.39
CA GLU B 82 27.29 10.38 -11.54
C GLU B 82 25.82 10.74 -11.80
N ALA B 83 25.27 11.64 -10.99
CA ALA B 83 23.87 12.04 -11.13
C ALA B 83 23.76 13.55 -11.24
N GLY B 84 22.54 14.08 -11.12
CA GLY B 84 22.34 15.50 -11.23
C GLY B 84 22.83 16.27 -10.02
N VAL B 85 23.03 17.58 -10.22
CA VAL B 85 23.46 18.50 -9.18
C VAL B 85 22.24 19.29 -8.73
N ALA B 86 21.73 18.99 -7.54
CA ALA B 86 20.61 19.75 -7.00
C ALA B 86 21.07 21.01 -6.28
N ASP B 87 22.27 21.01 -5.72
CA ASP B 87 22.82 22.17 -5.02
C ASP B 87 24.32 21.94 -4.85
N LEU B 88 25.05 23.04 -4.70
CA LEU B 88 26.48 22.96 -4.39
C LEU B 88 26.88 24.18 -3.58
N THR B 89 28.14 24.20 -3.17
CA THR B 89 28.73 25.32 -2.45
C THR B 89 30.24 25.15 -2.42
N TRP B 90 30.95 26.27 -2.45
CA TRP B 90 32.39 26.25 -2.26
C TRP B 90 32.73 25.74 -0.87
N VAL B 91 33.78 24.93 -0.77
CA VAL B 91 34.39 24.58 0.51
C VAL B 91 35.78 25.21 0.49
N GLY B 92 35.91 26.36 1.16
CA GLY B 92 37.16 27.09 1.09
C GLY B 92 37.35 27.69 -0.28
N GLU B 93 38.45 27.38 -0.93
CA GLU B 93 38.69 28.01 -2.20
C GLU B 93 38.97 27.06 -3.30
N ARG B 94 39.11 25.79 -2.95
CA ARG B 94 39.39 24.75 -3.93
C ARG B 94 38.47 23.54 -3.81
N GLY B 95 37.61 23.53 -2.78
CA GLY B 95 36.70 22.42 -2.60
C GLY B 95 35.30 22.71 -3.08
N ILE B 96 34.61 21.70 -3.55
CA ILE B 96 33.25 21.83 -4.06
C ILE B 96 32.40 20.74 -3.42
N LEU B 97 31.43 21.15 -2.60
CA LEU B 97 30.51 20.22 -1.94
C LEU B 97 29.21 20.19 -2.73
N VAL B 98 28.73 18.98 -3.03
CA VAL B 98 27.66 18.77 -4.01
C VAL B 98 26.55 17.94 -3.39
N ALA B 99 25.31 18.41 -3.55
CA ALA B 99 24.12 17.63 -3.23
C ALA B 99 23.62 16.92 -4.49
N SER B 100 23.66 15.59 -4.48
CA SER B 100 23.43 14.79 -5.68
C SER B 100 22.06 14.12 -5.68
N ASP B 101 21.51 13.92 -6.89
CA ASP B 101 20.25 13.19 -7.02
C ASP B 101 20.35 11.79 -6.44
N SER B 102 21.53 11.19 -6.48
CA SER B 102 21.74 9.81 -6.07
C SER B 102 21.56 9.60 -4.57
N GLY B 103 21.27 10.64 -3.80
CA GLY B 103 21.25 10.53 -2.35
C GLY B 103 22.59 10.78 -1.69
N ALA B 104 23.60 11.15 -2.46
CA ALA B 104 24.94 11.32 -1.95
C ALA B 104 25.28 12.80 -1.79
N VAL B 105 26.04 13.11 -0.74
CA VAL B 105 26.77 14.35 -0.66
C VAL B 105 28.17 14.08 -1.21
N GLU B 106 28.60 14.92 -2.16
CA GLU B 106 29.88 14.73 -2.82
C GLU B 106 30.80 15.90 -2.54
N LEU B 107 32.06 15.60 -2.24
CA LEU B 107 33.10 16.62 -2.14
C LEU B 107 34.09 16.41 -3.27
N TRP B 108 34.26 17.45 -4.08
CA TRP B 108 35.29 17.48 -5.11
C TRP B 108 36.31 18.55 -4.75
N GLU B 109 37.55 18.35 -5.23
CA GLU B 109 38.64 19.28 -4.94
C GLU B 109 39.40 19.59 -6.22
N LEU B 110 39.65 20.88 -6.45
CA LEU B 110 40.53 21.28 -7.54
C LEU B 110 41.95 20.81 -7.25
N ASP B 111 42.66 20.39 -8.30
CA ASP B 111 44.07 20.07 -8.15
C ASP B 111 44.88 21.36 -8.01
N GLU B 112 46.14 21.21 -7.58
CA GLU B 112 47.01 22.37 -7.44
C GLU B 112 47.12 23.14 -8.74
N ASN B 113 47.06 22.44 -9.88
CA ASN B 113 47.04 23.10 -11.19
C ASN B 113 45.78 23.94 -11.37
N GLU B 114 44.69 23.56 -10.69
CA GLU B 114 43.36 24.15 -10.92
C GLU B 114 42.92 23.93 -12.38
N THR B 115 43.30 22.78 -12.93
CA THR B 115 42.86 22.37 -14.25
C THR B 115 42.03 21.10 -14.25
N LEU B 116 42.02 20.36 -13.15
CA LEU B 116 41.15 19.20 -12.99
C LEU B 116 40.26 19.39 -11.78
N ILE B 117 39.17 18.64 -11.73
CA ILE B 117 38.28 18.59 -10.57
C ILE B 117 38.17 17.13 -10.17
N VAL B 118 38.74 16.79 -9.02
CA VAL B 118 38.94 15.41 -8.61
C VAL B 118 38.00 15.09 -7.46
N SER B 119 37.47 13.87 -7.46
CA SER B 119 36.53 13.44 -6.42
C SER B 119 37.27 13.17 -5.12
N LYS B 120 36.91 13.92 -4.07
CA LYS B 120 37.47 13.66 -2.75
C LYS B 120 36.74 12.51 -2.07
N PHE B 121 35.45 12.67 -1.82
CA PHE B 121 34.63 11.57 -1.31
C PHE B 121 33.23 11.66 -1.91
N CYS B 122 32.56 10.51 -1.94
CA CYS B 122 31.18 10.38 -2.39
C CYS B 122 30.49 9.41 -1.45
N LYS B 123 29.62 9.93 -0.58
CA LYS B 123 29.01 9.13 0.48
C LYS B 123 27.50 9.11 0.31
N TYR B 124 26.92 7.91 0.28
CA TYR B 124 25.49 7.72 0.04
C TYR B 124 24.80 7.54 1.38
N GLU B 125 24.44 8.67 2.02
CA GLU B 125 23.83 8.65 3.34
C GLU B 125 22.35 9.02 3.35
N HIS B 126 21.87 9.73 2.33
CA HIS B 126 20.47 10.09 2.23
C HIS B 126 19.72 9.07 1.39
N ASP B 127 18.48 8.76 1.78
CA ASP B 127 17.67 7.78 1.09
C ASP B 127 16.90 8.36 -0.10
N ASP B 128 16.97 9.67 -0.32
CA ASP B 128 16.32 10.31 -1.45
C ASP B 128 17.26 11.38 -2.00
N ILE B 129 16.74 12.20 -2.90
CA ILE B 129 17.54 13.29 -3.46
C ILE B 129 18.01 14.20 -2.35
N VAL B 130 19.29 14.59 -2.42
CA VAL B 130 19.82 15.60 -1.50
C VAL B 130 19.52 16.94 -2.15
N SER B 131 18.68 17.74 -1.50
CA SER B 131 18.16 18.95 -2.12
C SER B 131 18.94 20.22 -1.79
N THR B 132 19.70 20.23 -0.69
CA THR B 132 20.34 21.46 -0.25
C THR B 132 21.52 21.13 0.64
N VAL B 133 22.55 21.97 0.55
CA VAL B 133 23.77 21.77 1.31
C VAL B 133 24.34 23.15 1.67
N SER B 134 25.03 23.22 2.81
CA SER B 134 25.56 24.49 3.31
C SER B 134 26.77 24.23 4.19
N VAL B 135 27.83 24.99 3.98
CA VAL B 135 29.06 24.85 4.76
C VAL B 135 28.95 25.71 6.01
N LEU B 136 29.19 25.10 7.16
CA LEU B 136 29.19 25.86 8.41
C LEU B 136 30.41 26.78 8.48
N SER B 137 30.33 27.77 9.37
CA SER B 137 31.37 28.78 9.46
C SER B 137 32.72 28.21 9.89
N SER B 138 32.72 27.08 10.58
CA SER B 138 33.97 26.41 10.96
C SER B 138 34.75 25.88 9.76
N GLY B 139 34.17 25.89 8.55
CA GLY B 139 34.86 25.45 7.36
C GLY B 139 35.12 23.96 7.27
N THR B 140 35.01 23.25 8.38
CA THR B 140 35.27 21.82 8.43
C THR B 140 34.00 20.99 8.58
N GLN B 141 32.83 21.64 8.58
CA GLN B 141 31.57 20.94 8.72
C GLN B 141 30.54 21.53 7.77
N ALA B 142 29.53 20.72 7.45
CA ALA B 142 28.48 21.15 6.53
C ALA B 142 27.19 20.42 6.85
N VAL B 143 26.08 21.04 6.50
CA VAL B 143 24.75 20.49 6.71
C VAL B 143 24.10 20.24 5.37
N SER B 144 23.35 19.13 5.28
CA SER B 144 22.63 18.78 4.07
C SER B 144 21.20 18.45 4.42
N GLY B 145 20.28 18.87 3.54
CA GLY B 145 18.88 18.50 3.65
C GLY B 145 18.47 17.70 2.43
N SER B 146 17.49 16.83 2.62
CA SER B 146 17.13 15.87 1.59
C SER B 146 15.62 15.68 1.52
N LYS B 147 15.18 15.11 0.40
CA LYS B 147 13.78 14.74 0.24
C LYS B 147 13.37 13.61 1.17
N ASP B 148 14.33 12.91 1.79
CA ASP B 148 14.03 11.89 2.78
C ASP B 148 13.71 12.45 4.18
N ILE B 149 13.39 13.76 4.26
CA ILE B 149 13.00 14.50 5.46
C ILE B 149 14.20 14.76 6.39
N CYS B 150 15.31 14.10 6.14
CA CYS B 150 16.42 14.15 7.09
C CYS B 150 17.34 15.34 6.86
N ILE B 151 18.04 15.72 7.93
CA ILE B 151 19.10 16.72 7.88
C ILE B 151 20.33 16.13 8.56
N LYS B 152 21.49 16.29 7.94
CA LYS B 152 22.70 15.65 8.44
C LYS B 152 23.81 16.67 8.62
N VAL B 153 24.59 16.49 9.69
CA VAL B 153 25.79 17.29 9.94
C VAL B 153 26.99 16.46 9.52
N TRP B 154 27.82 17.03 8.66
CA TRP B 154 28.95 16.33 8.07
C TRP B 154 30.26 16.82 8.67
N ASP B 155 31.17 15.90 8.95
CA ASP B 155 32.56 16.23 9.20
C ASP B 155 33.32 16.00 7.90
N LEU B 156 33.69 17.10 7.22
CA LEU B 156 34.32 16.99 5.91
C LEU B 156 35.66 16.28 6.00
N ALA B 157 36.36 16.41 7.12
CA ALA B 157 37.69 15.82 7.25
C ALA B 157 37.63 14.29 7.31
N GLN B 158 36.85 13.75 8.25
CA GLN B 158 36.73 12.30 8.37
C GLN B 158 35.77 11.70 7.35
N GLN B 159 35.05 12.53 6.60
CA GLN B 159 34.09 12.07 5.60
C GLN B 159 33.03 11.16 6.23
N VAL B 160 32.41 11.66 7.30
CA VAL B 160 31.38 10.91 8.00
C VAL B 160 30.27 11.86 8.43
N VAL B 161 29.07 11.29 8.61
CA VAL B 161 27.96 12.03 9.20
C VAL B 161 28.12 11.98 10.70
N LEU B 162 28.14 13.15 11.33
CA LEU B 162 28.21 13.20 12.80
C LEU B 162 26.84 13.11 13.44
N SER B 163 25.84 13.76 12.86
CA SER B 163 24.48 13.72 13.37
C SER B 163 23.50 13.62 12.20
N SER B 164 22.41 12.87 12.42
CA SER B 164 21.32 12.75 11.48
C SER B 164 20.02 13.12 12.20
N TYR B 165 19.40 14.20 11.75
CA TYR B 165 18.23 14.77 12.41
C TYR B 165 16.99 14.58 11.55
N ARG B 166 15.93 14.06 12.18
CA ARG B 166 14.64 13.94 11.50
C ARG B 166 13.62 14.81 12.23
N ALA B 167 13.82 16.13 12.19
CA ALA B 167 12.91 17.03 12.88
C ALA B 167 11.69 17.36 12.04
N HIS B 168 11.87 17.48 10.73
CA HIS B 168 10.77 17.85 9.85
C HIS B 168 9.84 16.67 9.62
N ALA B 169 8.73 16.95 8.94
CA ALA B 169 7.74 15.93 8.58
C ALA B 169 7.51 15.86 7.08
N ALA B 170 8.30 16.60 6.29
CA ALA B 170 8.23 16.55 4.84
C ALA B 170 9.62 16.83 4.30
N GLN B 171 9.76 16.79 2.97
CA GLN B 171 11.06 16.97 2.35
C GLN B 171 11.64 18.34 2.73
N VAL B 172 12.96 18.38 2.91
CA VAL B 172 13.65 19.57 3.38
C VAL B 172 13.99 20.43 2.17
N THR B 173 13.51 21.68 2.17
CA THR B 173 13.68 22.55 1.02
C THR B 173 15.01 23.29 1.03
N CYS B 174 15.49 23.71 2.20
CA CYS B 174 16.66 24.56 2.27
C CYS B 174 17.31 24.42 3.65
N VAL B 175 18.64 24.42 3.66
CA VAL B 175 19.43 24.58 4.87
C VAL B 175 20.45 25.68 4.62
N ALA B 176 20.68 26.53 5.61
CA ALA B 176 21.60 27.66 5.47
C ALA B 176 22.34 27.87 6.78
N ALA B 177 23.66 27.76 6.74
CA ALA B 177 24.49 27.90 7.94
C ALA B 177 24.61 29.34 8.35
N SER B 178 24.69 29.56 9.67
CA SER B 178 24.93 30.91 10.18
C SER B 178 26.27 31.43 9.65
N PRO B 179 26.37 32.73 9.39
CA PRO B 179 27.66 33.27 8.90
C PRO B 179 28.83 33.06 9.85
N HIS B 180 28.64 33.26 11.16
CA HIS B 180 29.76 33.25 12.09
C HIS B 180 29.58 32.35 13.31
N LYS B 181 28.45 31.66 13.46
CA LYS B 181 28.22 30.73 14.55
C LYS B 181 28.34 29.31 14.03
N ASP B 182 29.38 28.60 14.48
CA ASP B 182 29.71 27.30 13.91
C ASP B 182 28.59 26.27 14.10
N SER B 183 27.74 26.45 15.11
CA SER B 183 26.77 25.43 15.50
C SER B 183 25.34 25.82 15.17
N VAL B 184 25.13 26.93 14.46
CA VAL B 184 23.80 27.46 14.19
C VAL B 184 23.54 27.41 12.69
N PHE B 185 22.37 26.91 12.31
CA PHE B 185 21.95 26.95 10.92
C PHE B 185 20.43 26.92 10.87
N LEU B 186 19.90 27.37 9.74
CA LEU B 186 18.47 27.40 9.49
C LEU B 186 18.04 26.25 8.59
N SER B 187 16.77 25.89 8.67
CA SER B 187 16.19 24.93 7.74
C SER B 187 14.72 25.26 7.54
N CYS B 188 14.18 24.82 6.40
CA CYS B 188 12.77 25.01 6.10
C CYS B 188 12.30 23.90 5.19
N SER B 189 11.11 23.40 5.45
CA SER B 189 10.59 22.20 4.83
C SER B 189 9.18 22.45 4.32
N GLU B 190 8.66 21.49 3.57
CA GLU B 190 7.29 21.56 3.12
C GLU B 190 6.29 21.21 4.22
N ASP B 191 6.76 20.86 5.41
CA ASP B 191 5.88 20.75 6.56
C ASP B 191 5.54 22.10 7.17
N ASN B 192 5.90 23.20 6.50
CA ASN B 192 5.61 24.58 6.91
C ASN B 192 6.39 25.01 8.15
N ARG B 193 7.53 24.38 8.43
CA ARG B 193 8.35 24.75 9.56
C ARG B 193 9.62 25.43 9.07
N ILE B 194 9.98 26.54 9.72
CA ILE B 194 11.32 27.10 9.66
C ILE B 194 11.98 26.80 10.98
N LEU B 195 13.05 26.02 10.94
CA LEU B 195 13.73 25.54 12.13
C LEU B 195 15.05 26.28 12.30
N LEU B 196 15.24 26.87 13.48
CA LEU B 196 16.53 27.41 13.87
C LEU B 196 17.27 26.34 14.67
N TRP B 197 18.46 25.97 14.21
CA TRP B 197 19.23 24.91 14.83
C TRP B 197 20.38 25.48 15.64
N ASP B 198 20.69 24.80 16.74
CA ASP B 198 21.88 25.10 17.55
C ASP B 198 22.30 23.79 18.19
N THR B 199 23.31 23.15 17.61
CA THR B 199 23.75 21.85 18.10
C THR B 199 24.36 21.90 19.49
N ARG B 200 24.51 23.09 20.10
CA ARG B 200 24.90 23.16 21.50
C ARG B 200 23.76 22.85 22.47
N CYS B 201 22.51 22.82 21.99
CA CYS B 201 21.33 22.56 22.80
C CYS B 201 20.96 21.07 22.77
N PRO B 202 20.55 20.52 23.92
CA PRO B 202 20.14 19.11 23.96
C PRO B 202 19.08 18.76 22.94
N LYS B 203 18.10 19.65 22.73
CA LYS B 203 17.19 19.57 21.60
C LYS B 203 17.58 20.67 20.62
N PRO B 204 18.28 20.35 19.53
CA PRO B 204 18.98 21.39 18.76
C PRO B 204 18.08 22.25 17.89
N ALA B 205 16.84 21.86 17.66
CA ALA B 205 15.97 22.62 16.77
C ALA B 205 14.96 23.44 17.55
N SER B 206 14.62 24.60 17.01
CA SER B 206 13.59 25.46 17.58
C SER B 206 12.74 25.99 16.45
N GLN B 207 11.43 25.75 16.51
CA GLN B 207 10.53 26.25 15.48
C GLN B 207 10.34 27.74 15.66
N ILE B 208 10.68 28.52 14.63
CA ILE B 208 10.53 29.96 14.73
C ILE B 208 9.58 30.44 13.65
N GLY B 209 9.53 31.75 13.41
CA GLY B 209 8.68 32.31 12.40
C GLY B 209 7.28 32.62 12.91
N CYS B 210 6.43 33.01 11.97
CA CYS B 210 5.08 33.43 12.31
C CYS B 210 4.32 32.33 13.03
N SER B 211 3.72 32.68 14.16
CA SER B 211 2.93 31.72 14.92
C SER B 211 1.79 31.16 14.07
N ALA B 212 1.10 32.02 13.32
CA ALA B 212 0.07 31.54 12.41
C ALA B 212 0.72 30.94 11.16
N PRO B 213 0.22 29.80 10.68
CA PRO B 213 0.81 29.17 9.50
C PRO B 213 0.55 30.00 8.25
N GLY B 214 1.59 30.18 7.45
CA GLY B 214 1.46 30.86 6.18
C GLY B 214 1.75 29.94 5.01
N TYR B 215 2.23 30.51 3.91
CA TYR B 215 2.61 29.70 2.76
C TYR B 215 3.97 29.05 3.00
N LEU B 216 4.19 27.91 2.36
CA LEU B 216 5.37 27.10 2.64
C LEU B 216 6.64 27.90 2.35
N PRO B 217 7.65 27.81 3.21
CA PRO B 217 8.90 28.52 2.97
C PRO B 217 9.81 27.74 2.03
N THR B 218 10.41 28.46 1.07
CA THR B 218 11.19 27.83 0.01
C THR B 218 12.66 28.24 -0.03
N SER B 219 13.05 29.35 0.59
CA SER B 219 14.44 29.80 0.54
C SER B 219 14.79 30.57 1.81
N LEU B 220 16.07 30.55 2.16
CA LEU B 220 16.57 31.19 3.37
C LEU B 220 17.89 31.89 3.09
N ALA B 221 18.12 33.01 3.79
CA ALA B 221 19.40 33.72 3.69
C ALA B 221 19.62 34.50 4.99
N TRP B 222 20.65 34.12 5.74
CA TRP B 222 21.07 34.93 6.88
C TRP B 222 21.54 36.30 6.42
N HIS B 223 21.21 37.32 7.19
CA HIS B 223 21.81 38.63 6.95
C HIS B 223 23.32 38.53 7.18
N PRO B 224 24.15 39.08 6.29
CA PRO B 224 25.60 38.87 6.42
C PRO B 224 26.21 39.58 7.61
N GLN B 225 25.57 40.62 8.15
CA GLN B 225 26.13 41.39 9.25
C GLN B 225 25.43 41.11 10.58
N GLN B 226 24.10 41.11 10.59
CA GLN B 226 23.33 41.01 11.82
C GLN B 226 23.07 39.54 12.13
N SER B 227 23.71 39.03 13.19
CA SER B 227 23.67 37.62 13.51
C SER B 227 22.27 37.10 13.84
N GLU B 228 21.31 38.00 14.09
CA GLU B 228 19.96 37.60 14.48
C GLU B 228 18.94 37.70 13.35
N VAL B 229 19.35 38.21 12.19
CA VAL B 229 18.42 38.59 11.13
C VAL B 229 18.62 37.66 9.94
N PHE B 230 17.51 37.17 9.39
CA PHE B 230 17.54 36.43 8.13
C PHE B 230 16.27 36.73 7.36
N VAL B 231 16.30 36.41 6.07
CA VAL B 231 15.14 36.57 5.20
C VAL B 231 14.72 35.19 4.71
N PHE B 232 13.44 35.06 4.38
CA PHE B 232 12.96 33.83 3.77
C PHE B 232 11.89 34.14 2.75
N GLY B 233 11.89 33.37 1.66
CA GLY B 233 10.87 33.46 0.64
C GLY B 233 9.92 32.29 0.73
N ASP B 234 8.70 32.49 0.24
CA ASP B 234 7.69 31.44 0.30
C ASP B 234 7.27 31.03 -1.11
N GLU B 235 6.47 29.96 -1.15
CA GLU B 235 5.97 29.42 -2.41
C GLU B 235 5.03 30.38 -3.15
N ASN B 236 4.57 31.44 -2.50
CA ASN B 236 3.62 32.37 -3.07
C ASN B 236 4.28 33.64 -3.61
N GLY B 237 5.61 33.73 -3.56
CA GLY B 237 6.32 34.88 -4.08
C GLY B 237 6.65 35.95 -3.07
N THR B 238 6.30 35.75 -1.80
CA THR B 238 6.57 36.75 -0.76
C THR B 238 7.98 36.60 -0.23
N VAL B 239 8.66 37.72 -0.02
CA VAL B 239 9.95 37.78 0.63
C VAL B 239 9.77 38.46 1.98
N SER B 240 10.26 37.81 3.04
CA SER B 240 9.97 38.24 4.41
C SER B 240 11.28 38.48 5.17
N LEU B 241 11.35 39.62 5.85
CA LEU B 241 12.49 39.98 6.68
C LEU B 241 12.19 39.65 8.13
N VAL B 242 12.99 38.78 8.74
CA VAL B 242 12.71 38.26 10.08
C VAL B 242 13.88 38.54 11.01
N ASP B 243 13.60 39.23 12.11
CA ASP B 243 14.47 39.29 13.27
C ASP B 243 14.00 38.26 14.29
N THR B 244 14.84 37.25 14.53
CA THR B 244 14.52 36.23 15.52
C THR B 244 14.45 36.82 16.92
N LYS B 245 15.39 37.70 17.27
CA LYS B 245 15.33 38.34 18.57
C LYS B 245 14.27 39.45 18.58
N SER B 246 13.73 39.72 17.40
CA SER B 246 12.72 40.74 17.13
C SER B 246 11.31 40.45 17.67
N THR B 247 10.59 41.51 18.02
CA THR B 247 9.21 41.41 18.51
C THR B 247 8.48 42.74 18.33
N VAL B 250 7.55 41.86 11.82
CA VAL B 250 7.88 41.16 10.59
C VAL B 250 7.65 42.07 9.40
N LEU B 251 8.60 42.10 8.48
CA LEU B 251 8.51 42.91 7.28
C LEU B 251 8.48 41.98 6.07
N SER B 252 7.58 42.23 5.14
CA SER B 252 7.46 41.36 3.99
C SER B 252 7.00 42.15 2.78
N SER B 253 7.31 41.62 1.59
CA SER B 253 6.89 42.22 0.33
C SER B 253 6.58 41.12 -0.68
N ALA B 254 5.53 41.31 -1.47
CA ALA B 254 5.15 40.38 -2.53
C ALA B 254 5.99 40.70 -3.75
N VAL B 255 7.12 40.02 -3.87
CA VAL B 255 8.12 40.37 -4.88
C VAL B 255 7.90 39.59 -6.17
N HIS B 256 7.55 38.32 -6.07
CA HIS B 256 7.48 37.43 -7.21
C HIS B 256 6.07 36.88 -7.39
N SER B 257 5.77 36.47 -8.62
CA SER B 257 4.47 35.88 -8.94
C SER B 257 4.45 34.37 -8.75
N GLN B 258 5.59 33.73 -8.54
CA GLN B 258 5.64 32.31 -8.22
C GLN B 258 6.65 32.09 -7.09
N CYS B 259 7.07 30.84 -6.93
CA CYS B 259 7.95 30.45 -5.84
C CYS B 259 9.24 31.26 -5.82
N VAL B 260 9.67 31.66 -4.61
CA VAL B 260 10.97 32.29 -4.43
C VAL B 260 12.02 31.19 -4.30
N THR B 261 12.89 31.08 -5.30
CA THR B 261 13.83 29.96 -5.36
C THR B 261 15.07 30.21 -4.51
N GLY B 262 15.55 31.46 -4.47
CA GLY B 262 16.74 31.77 -3.69
C GLY B 262 16.79 33.22 -3.30
N LEU B 263 17.65 33.50 -2.33
CA LEU B 263 17.85 34.86 -1.82
C LEU B 263 19.33 35.01 -1.51
N VAL B 264 19.98 35.99 -2.15
CA VAL B 264 21.42 36.17 -2.01
C VAL B 264 21.70 37.62 -1.67
N PHE B 265 22.39 37.85 -0.55
CA PHE B 265 22.75 39.19 -0.12
C PHE B 265 24.01 39.66 -0.84
N SER B 266 24.01 40.94 -1.24
CA SER B 266 25.19 41.54 -1.86
C SER B 266 26.31 41.68 -0.84
N PRO B 267 27.58 41.76 -1.31
CA PRO B 267 28.70 41.85 -0.36
C PRO B 267 29.01 43.27 0.08
N HIS B 268 28.07 44.19 -0.13
CA HIS B 268 28.24 45.57 0.30
C HIS B 268 28.20 45.67 1.81
N SER B 269 28.68 46.82 2.32
CA SER B 269 28.59 47.08 3.75
C SER B 269 27.14 47.12 4.21
N VAL B 270 26.32 47.91 3.53
CA VAL B 270 24.86 47.82 3.67
C VAL B 270 24.36 46.98 2.50
N PRO B 271 24.02 45.71 2.72
CA PRO B 271 23.84 44.79 1.60
C PRO B 271 22.47 44.88 0.95
N PHE B 272 22.46 44.59 -0.35
CA PHE B 272 21.24 44.41 -1.12
C PHE B 272 20.84 42.93 -1.11
N LEU B 273 19.61 42.66 -1.52
CA LEU B 273 19.06 41.31 -1.51
C LEU B 273 18.60 40.95 -2.92
N ALA B 274 19.29 39.99 -3.54
CA ALA B 274 18.87 39.44 -4.82
C ALA B 274 17.89 38.30 -4.58
N SER B 275 16.69 38.43 -5.15
CA SER B 275 15.68 37.38 -5.10
C SER B 275 15.42 36.88 -6.51
N LEU B 276 15.32 35.56 -6.64
CA LEU B 276 15.12 34.89 -7.92
C LEU B 276 14.04 33.83 -7.77
N SER B 277 13.26 33.65 -8.83
CA SER B 277 12.00 32.93 -8.73
C SER B 277 11.79 32.02 -9.94
N GLU B 278 10.78 31.15 -9.82
CA GLU B 278 10.32 30.37 -10.95
C GLU B 278 9.52 31.20 -11.95
N ASP B 279 9.18 32.44 -11.62
CA ASP B 279 8.58 33.34 -12.60
C ASP B 279 9.61 33.88 -13.60
N CYS B 280 10.83 33.32 -13.58
CA CYS B 280 11.90 33.62 -14.54
C CYS B 280 12.45 35.03 -14.40
N SER B 281 12.18 35.71 -13.30
CA SER B 281 12.64 37.07 -13.08
C SER B 281 13.65 37.12 -11.94
N LEU B 282 14.55 38.08 -12.03
CA LEU B 282 15.46 38.45 -10.94
C LEU B 282 15.02 39.81 -10.39
N ALA B 283 15.09 39.95 -9.08
CA ALA B 283 14.81 41.22 -8.42
C ALA B 283 15.92 41.51 -7.41
N VAL B 284 16.21 42.79 -7.24
CA VAL B 284 17.19 43.26 -6.25
C VAL B 284 16.48 44.23 -5.31
N LEU B 285 16.52 43.93 -4.02
CA LEU B 285 15.84 44.70 -3.01
C LEU B 285 16.84 45.36 -2.07
N ASP B 286 16.43 46.48 -1.47
CA ASP B 286 17.25 47.16 -0.48
C ASP B 286 16.97 46.56 0.89
N SER B 287 17.25 47.31 1.95
CA SER B 287 17.10 46.79 3.32
C SER B 287 15.65 46.72 3.77
N SER B 288 14.75 47.50 3.15
CA SER B 288 13.34 47.48 3.50
C SER B 288 12.52 46.64 2.54
N LEU B 289 13.16 45.75 1.79
CA LEU B 289 12.53 44.90 0.77
C LEU B 289 11.87 45.71 -0.34
N SER B 290 12.25 46.99 -0.48
CA SER B 290 11.81 47.78 -1.62
C SER B 290 12.63 47.43 -2.85
N GLU B 291 12.02 47.55 -4.02
CA GLU B 291 12.62 47.05 -5.25
C GLU B 291 13.46 48.14 -5.92
N LEU B 292 14.70 47.78 -6.26
CA LEU B 292 15.62 48.66 -6.96
C LEU B 292 15.89 48.25 -8.40
N PHE B 293 15.88 46.95 -8.68
CA PHE B 293 16.21 46.42 -9.99
C PHE B 293 15.29 45.25 -10.29
N ARG B 294 15.12 44.97 -11.59
CA ARG B 294 14.30 43.85 -12.04
C ARG B 294 14.79 43.44 -13.41
N SER B 295 15.01 42.13 -13.60
CA SER B 295 15.54 41.62 -14.86
C SER B 295 14.75 40.39 -15.29
N GLN B 296 14.13 40.46 -16.48
CA GLN B 296 13.53 39.29 -17.12
C GLN B 296 14.43 38.74 -18.21
N ALA B 297 15.75 38.78 -18.00
CA ALA B 297 16.68 38.31 -19.03
C ALA B 297 16.53 36.81 -19.28
N HIS B 298 16.13 36.05 -18.26
CA HIS B 298 16.03 34.61 -18.40
C HIS B 298 14.68 34.23 -19.03
N ARG B 299 14.69 33.13 -19.77
CA ARG B 299 13.49 32.59 -20.40
C ARG B 299 13.03 31.28 -19.77
N ASP B 300 13.56 30.94 -18.60
CA ASP B 300 13.16 29.78 -17.83
C ASP B 300 13.44 30.08 -16.36
N PHE B 301 13.41 29.04 -15.52
CA PHE B 301 13.60 29.23 -14.08
C PHE B 301 14.99 29.80 -13.79
N VAL B 302 15.05 30.80 -12.93
CA VAL B 302 16.31 31.34 -12.43
C VAL B 302 16.71 30.55 -11.20
N ARG B 303 17.87 29.90 -11.26
CA ARG B 303 18.26 28.90 -10.26
C ARG B 303 19.27 29.41 -9.24
N ASP B 304 20.23 30.24 -9.64
CA ASP B 304 21.17 30.81 -8.70
C ASP B 304 21.52 32.24 -9.09
N ALA B 305 22.11 32.97 -8.16
CA ALA B 305 22.58 34.32 -8.38
C ALA B 305 23.76 34.57 -7.44
N THR B 306 24.86 35.10 -7.98
CA THR B 306 26.06 35.30 -7.20
C THR B 306 26.67 36.67 -7.53
N TRP B 307 27.11 37.36 -6.48
CA TRP B 307 27.70 38.69 -6.64
C TRP B 307 29.20 38.58 -6.83
N SER B 308 29.72 39.31 -7.82
CA SER B 308 31.16 39.34 -8.04
C SER B 308 31.85 40.01 -6.84
N PRO B 309 32.90 39.39 -6.29
CA PRO B 309 33.67 40.08 -5.24
C PRO B 309 34.54 41.19 -5.81
N LEU B 310 34.87 41.14 -7.10
CA LEU B 310 35.76 42.11 -7.72
C LEU B 310 35.02 43.39 -8.07
N ASN B 311 33.87 43.26 -8.72
CA ASN B 311 32.99 44.39 -9.04
C ASN B 311 31.67 44.15 -8.33
N HIS B 312 31.39 44.97 -7.31
CA HIS B 312 30.27 44.72 -6.41
C HIS B 312 28.91 45.10 -7.00
N SER B 313 28.87 45.64 -8.22
CA SER B 313 27.61 45.89 -8.91
C SER B 313 27.34 44.86 -9.99
N LEU B 314 28.17 43.82 -10.12
CA LEU B 314 27.89 42.72 -11.01
C LEU B 314 27.18 41.61 -10.26
N LEU B 315 26.11 41.10 -10.84
CA LEU B 315 25.33 39.99 -10.30
C LEU B 315 25.15 38.97 -11.41
N THR B 316 25.71 37.78 -11.22
CA THR B 316 25.67 36.73 -12.23
C THR B 316 24.57 35.73 -11.88
N THR B 317 23.61 35.57 -12.78
CA THR B 317 22.53 34.61 -12.62
C THR B 317 22.65 33.52 -13.68
N VAL B 318 22.22 32.32 -13.30
CA VAL B 318 22.10 31.21 -14.23
C VAL B 318 20.69 30.65 -14.12
N GLY B 319 20.29 29.87 -15.13
CA GLY B 319 18.95 29.34 -15.16
C GLY B 319 18.86 28.11 -16.05
N TRP B 320 17.64 27.57 -16.11
CA TRP B 320 17.41 26.36 -16.91
C TRP B 320 17.37 26.64 -18.41
N ASP B 321 17.37 27.89 -18.82
CA ASP B 321 17.52 28.26 -20.23
C ASP B 321 18.98 28.23 -20.68
N HIS B 322 19.89 27.73 -19.85
CA HIS B 322 21.32 27.64 -20.14
C HIS B 322 21.97 29.01 -20.33
N GLN B 323 21.38 30.05 -19.77
CA GLN B 323 21.94 31.39 -19.85
C GLN B 323 22.78 31.69 -18.60
N VAL B 324 23.92 32.33 -18.82
CA VAL B 324 24.72 32.92 -17.77
C VAL B 324 24.70 34.43 -18.01
N VAL B 325 23.89 35.14 -17.22
CA VAL B 325 23.65 36.57 -17.45
C VAL B 325 24.43 37.38 -16.43
N HIS B 326 25.14 38.39 -16.90
CA HIS B 326 25.93 39.28 -16.05
C HIS B 326 25.18 40.60 -15.94
N HIS B 327 24.53 40.82 -14.80
CA HIS B 327 23.74 42.01 -14.58
C HIS B 327 24.59 43.13 -13.99
N VAL B 328 24.40 44.34 -14.51
CA VAL B 328 24.95 45.54 -13.89
C VAL B 328 23.85 46.13 -13.01
N VAL B 329 24.08 46.12 -11.70
CA VAL B 329 23.05 46.44 -10.72
C VAL B 329 23.26 47.89 -10.28
N PRO B 330 22.29 48.78 -10.50
CA PRO B 330 22.46 50.18 -10.10
C PRO B 330 22.59 50.34 -8.59
N THR B 331 23.82 50.43 -8.10
CA THR B 331 24.06 50.56 -6.67
C THR B 331 24.46 51.99 -6.29
#